data_2E95
#
_entry.id   2E95
#
_cell.length_a   46.390
_cell.length_b   116.262
_cell.length_c   128.695
_cell.angle_alpha   90.00
_cell.angle_beta   90.00
_cell.angle_gamma   90.00
#
_symmetry.space_group_name_H-M   'P 21 21 21'
#
loop_
_entity.id
_entity.type
_entity.pdbx_description
1 polymer 'Geranylgeranyl pyrophosphate synthetase'
2 non-polymer 'MAGNESIUM ION'
3 non-polymer "1-HYDROXY-2-[3'-(NAPHTHALENE-2-SULFONYLAMINO)-BIPHENYL-3-YL]ETHYLIDENE-1,1-BISPHOSPHONIC ACID"
4 water water
#
_entity_poly.entity_id   1
_entity_poly.type   'polypeptide(L)'
_entity_poly.pdbx_seq_one_letter_code
;MTKNKMEAKIDELINNDPVWSSQNESLISKPYNHILLKPGKNFRLNLIVQINRVMNLPKDQLAIVSQIVELLHNSSLLID
DIEDNAPLRRGQTTSHLIFGVPSTINTANYMYFRAMQLVSQLTTKEPLYHNLITIFNEELINLHRGQGLDIYWRDFLPEI
IPTQEMYLNMVMNKTGGLFRLTLRLMEALSPSSHHGHSLVPFINLLGIIYQIRDDYLNLKDFQMSSEKGFAEDITEGKLS
FPIVHALNFTKTKGQTEQHNEILRILLLRTSDKDIKLKLIQILEFDTNSLAYTKNFINQLVNMIKNDNENKYLPDLASHS
DTATNLHDELLYIIDHLSEL
;
_entity_poly.pdbx_strand_id   A,B
#
loop_
_chem_comp.id
_chem_comp.type
_chem_comp.name
_chem_comp.formula
B75 non-polymer '1-HYDROXY-2-[3'-(NAPHTHALENE-2-SULFONYLAMINO)-BIPHENYL-3-YL]ETHYLIDENE-1,1-BISPHOSPHONIC ACID' 'C24 H23 N O9 P2 S'
MG non-polymer 'MAGNESIUM ION' 'Mg 2'
#
# COMPACT_ATOMS: atom_id res chain seq x y z
N ASN A 4 15.29 20.88 31.75
CA ASN A 4 13.93 21.36 32.16
C ASN A 4 13.11 22.09 31.11
N LYS A 5 13.74 22.89 30.24
CA LYS A 5 12.98 23.55 29.19
C LYS A 5 12.81 22.43 28.16
N MET A 6 13.81 21.56 28.11
CA MET A 6 13.80 20.45 27.18
C MET A 6 12.64 19.50 27.59
N GLU A 7 12.61 19.10 28.86
CA GLU A 7 11.58 18.22 29.41
C GLU A 7 10.18 18.87 29.39
N ALA A 8 10.15 20.19 29.46
CA ALA A 8 8.89 20.91 29.40
C ALA A 8 8.36 20.79 27.96
N LYS A 9 9.26 20.91 26.97
CA LYS A 9 8.87 20.78 25.57
C LYS A 9 8.48 19.36 25.23
N ILE A 10 9.21 18.38 25.79
CA ILE A 10 8.91 16.98 25.52
C ILE A 10 7.56 16.60 26.15
N ASP A 11 7.34 17.06 27.38
CA ASP A 11 6.10 16.76 28.07
C ASP A 11 4.93 17.38 27.30
N GLU A 12 5.08 18.57 26.74
CA GLU A 12 3.97 19.15 25.97
C GLU A 12 3.74 18.31 24.67
N LEU A 13 4.82 17.90 24.03
CA LEU A 13 4.73 17.11 22.81
C LEU A 13 3.93 15.77 22.98
N ILE A 14 4.35 14.97 23.95
CA ILE A 14 3.76 13.66 24.21
C ILE A 14 2.35 13.65 24.80
N ASN A 15 1.89 14.78 25.31
CA ASN A 15 0.52 14.81 25.85
C ASN A 15 -0.42 15.47 24.90
N ASN A 16 0.01 15.60 23.64
CA ASN A 16 -0.82 16.19 22.59
C ASN A 16 -0.87 15.32 21.35
N ASP A 17 -1.87 15.54 20.52
CA ASP A 17 -1.95 14.77 19.31
C ASP A 17 -0.73 15.14 18.46
N PRO A 18 -0.39 14.31 17.46
CA PRO A 18 0.75 14.60 16.59
C PRO A 18 0.44 15.89 15.79
N VAL A 19 1.42 16.79 15.66
CA VAL A 19 1.21 18.01 14.87
C VAL A 19 1.32 17.65 13.36
N TRP A 20 0.32 18.08 12.59
CA TRP A 20 0.29 17.88 11.17
C TRP A 20 -0.34 19.17 10.56
N SER A 21 0.40 19.85 9.69
CA SER A 21 -0.06 21.07 9.07
C SER A 21 -0.66 20.84 7.69
N SER A 22 -1.35 21.88 7.20
CA SER A 22 -1.96 21.89 5.88
C SER A 22 -0.83 21.92 4.85
N GLN A 23 0.30 22.54 5.17
CA GLN A 23 1.42 22.53 4.26
C GLN A 23 2.02 21.09 4.14
N ASN A 24 2.16 20.38 5.26
CA ASN A 24 2.68 18.98 5.25
C ASN A 24 1.73 18.19 4.35
N GLU A 25 0.43 18.41 4.53
CA GLU A 25 -0.62 17.75 3.75
C GLU A 25 -0.41 17.96 2.24
N SER A 26 -0.22 19.21 1.82
CA SER A 26 0.01 19.49 0.40
C SER A 26 1.28 18.79 -0.07
N LEU A 27 2.37 18.88 0.71
CA LEU A 27 3.60 18.26 0.27
C LEU A 27 3.45 16.75 0.00
N ILE A 28 2.76 16.02 0.85
CA ILE A 28 2.68 14.61 0.55
C ILE A 28 1.59 14.18 -0.43
N SER A 29 0.74 15.10 -0.82
CA SER A 29 -0.31 14.77 -1.76
C SER A 29 0.16 14.90 -3.20
N LYS A 30 1.41 15.34 -3.42
CA LYS A 30 1.85 15.55 -4.79
C LYS A 30 1.61 14.39 -5.78
N PRO A 31 2.01 13.15 -5.41
CA PRO A 31 1.80 12.03 -6.34
C PRO A 31 0.33 11.90 -6.76
N TYR A 32 -0.56 12.15 -5.79
CA TYR A 32 -1.99 12.05 -5.98
C TYR A 32 -2.60 13.20 -6.79
N ASN A 33 -2.18 14.44 -6.51
CA ASN A 33 -2.71 15.56 -7.28
C ASN A 33 -2.38 15.44 -8.78
N HIS A 34 -1.21 14.85 -9.05
CA HIS A 34 -0.74 14.65 -10.40
C HIS A 34 -1.67 13.72 -11.19
N ILE A 35 -2.10 12.61 -10.59
CA ILE A 35 -2.96 11.70 -11.33
C ILE A 35 -4.37 12.24 -11.50
N LEU A 36 -4.78 13.18 -10.64
CA LEU A 36 -6.11 13.80 -10.75
C LEU A 36 -6.31 14.53 -12.09
N LEU A 37 -5.24 15.13 -12.65
CA LEU A 37 -5.32 15.84 -13.92
C LEU A 37 -5.83 14.97 -15.06
N LYS A 38 -5.81 13.66 -14.85
CA LYS A 38 -6.25 12.67 -15.82
C LYS A 38 -7.80 12.54 -15.92
N PRO A 39 -8.33 12.38 -17.14
CA PRO A 39 -9.79 12.25 -17.23
C PRO A 39 -10.33 10.82 -17.04
N GLY A 40 -11.66 10.68 -17.08
CA GLY A 40 -12.29 9.39 -16.90
C GLY A 40 -13.24 9.41 -15.70
N LYS A 41 -13.06 10.43 -14.85
CA LYS A 41 -13.87 10.63 -13.64
C LYS A 41 -15.36 10.83 -13.97
N ASN A 42 -15.66 11.35 -15.17
CA ASN A 42 -17.05 11.53 -15.54
C ASN A 42 -17.69 10.21 -15.96
N PHE A 43 -16.89 9.29 -16.49
CA PHE A 43 -17.45 8.00 -16.88
C PHE A 43 -17.65 7.10 -15.67
N ARG A 44 -16.77 7.20 -14.68
CA ARG A 44 -16.93 6.40 -13.46
C ARG A 44 -18.11 6.97 -12.68
N LEU A 45 -18.37 8.26 -12.86
CA LEU A 45 -19.47 8.92 -12.17
C LEU A 45 -20.77 8.59 -12.90
N ASN A 46 -20.68 8.37 -14.21
CA ASN A 46 -21.85 8.04 -15.02
C ASN A 46 -22.36 6.63 -14.70
N LEU A 47 -21.45 5.74 -14.36
CA LEU A 47 -21.86 4.37 -13.99
C LEU A 47 -22.58 4.46 -12.62
N ILE A 48 -21.96 5.12 -11.65
CA ILE A 48 -22.55 5.25 -10.33
C ILE A 48 -23.96 5.85 -10.44
N VAL A 49 -24.14 6.81 -11.36
CA VAL A 49 -25.45 7.45 -11.57
C VAL A 49 -26.53 6.51 -12.14
N GLN A 50 -26.20 5.73 -13.16
CA GLN A 50 -27.20 4.80 -13.71
C GLN A 50 -27.57 3.77 -12.67
N ILE A 51 -26.58 3.26 -11.96
CA ILE A 51 -26.88 2.28 -10.95
C ILE A 51 -27.83 2.86 -9.92
N ASN A 52 -27.66 4.15 -9.59
CA ASN A 52 -28.53 4.77 -8.59
C ASN A 52 -30.01 4.87 -8.95
N ARG A 53 -30.33 4.77 -10.23
CA ARG A 53 -31.73 4.80 -10.63
C ARG A 53 -32.44 3.56 -10.10
N VAL A 54 -31.65 2.55 -9.72
CA VAL A 54 -32.15 1.31 -9.14
C VAL A 54 -31.97 1.35 -7.60
N MET A 55 -30.86 1.91 -7.15
CA MET A 55 -30.60 1.95 -5.73
C MET A 55 -31.23 3.13 -5.00
N ASN A 56 -31.46 4.25 -5.70
CA ASN A 56 -32.04 5.48 -5.12
C ASN A 56 -31.45 5.94 -3.79
N LEU A 57 -30.14 6.15 -3.74
CA LEU A 57 -29.52 6.63 -2.52
C LEU A 57 -29.70 8.13 -2.67
N PRO A 58 -29.80 8.89 -1.58
CA PRO A 58 -29.94 10.35 -1.78
C PRO A 58 -28.62 10.86 -2.43
N LYS A 59 -28.68 12.02 -3.08
CA LYS A 59 -27.52 12.60 -3.76
C LYS A 59 -26.28 12.93 -2.93
N ASP A 60 -26.49 13.29 -1.66
CA ASP A 60 -25.35 13.63 -0.86
C ASP A 60 -24.62 12.35 -0.44
N GLN A 61 -25.34 11.27 -0.22
CA GLN A 61 -24.70 10.01 0.14
C GLN A 61 -23.96 9.46 -1.12
N LEU A 62 -24.60 9.56 -2.27
CA LEU A 62 -24.02 9.09 -3.52
C LEU A 62 -22.71 9.82 -3.78
N ALA A 63 -22.72 11.11 -3.44
CA ALA A 63 -21.53 11.94 -3.59
C ALA A 63 -20.34 11.36 -2.83
N ILE A 64 -20.60 10.88 -1.61
CA ILE A 64 -19.56 10.31 -0.75
C ILE A 64 -19.08 8.93 -1.25
N VAL A 65 -20.01 8.16 -1.77
CA VAL A 65 -19.67 6.86 -2.32
C VAL A 65 -18.73 7.17 -3.47
N SER A 66 -19.03 8.21 -4.22
CA SER A 66 -18.23 8.56 -5.38
C SER A 66 -16.82 8.87 -5.02
N GLN A 67 -16.65 9.76 -4.03
CA GLN A 67 -15.34 10.16 -3.52
C GLN A 67 -14.53 8.97 -3.01
N ILE A 68 -15.17 8.07 -2.27
CA ILE A 68 -14.49 6.90 -1.72
C ILE A 68 -13.94 6.08 -2.88
N VAL A 69 -14.79 5.83 -3.87
CA VAL A 69 -14.41 5.06 -5.04
C VAL A 69 -13.35 5.75 -5.93
N GLU A 70 -13.38 7.08 -6.03
CA GLU A 70 -12.36 7.77 -6.82
C GLU A 70 -11.02 7.62 -6.11
N LEU A 71 -10.97 7.80 -4.79
CA LEU A 71 -9.72 7.63 -4.08
C LEU A 71 -9.13 6.23 -4.23
N LEU A 72 -9.93 5.17 -4.07
CA LEU A 72 -9.44 3.80 -4.18
C LEU A 72 -8.94 3.57 -5.57
N HIS A 73 -9.69 4.09 -6.54
CA HIS A 73 -9.34 3.89 -7.90
C HIS A 73 -8.04 4.58 -8.25
N ASN A 74 -7.92 5.85 -7.88
CA ASN A 74 -6.70 6.57 -8.20
C ASN A 74 -5.46 5.99 -7.49
N SER A 75 -5.60 5.63 -6.22
CA SER A 75 -4.51 5.05 -5.45
C SER A 75 -4.04 3.72 -6.02
N SER A 76 -5.01 2.91 -6.47
CA SER A 76 -4.74 1.65 -7.10
C SER A 76 -3.99 1.85 -8.40
N LEU A 77 -4.27 2.90 -9.15
CA LEU A 77 -3.56 3.12 -10.41
C LEU A 77 -2.13 3.58 -10.15
N LEU A 78 -1.96 4.41 -9.13
CA LEU A 78 -0.61 4.88 -8.74
C LEU A 78 0.30 3.66 -8.47
N ILE A 79 -0.22 2.72 -7.69
CA ILE A 79 0.50 1.50 -7.28
C ILE A 79 0.66 0.61 -8.49
N ASP A 80 -0.40 0.43 -9.26
CA ASP A 80 -0.32 -0.41 -10.42
C ASP A 80 0.80 0.00 -11.41
N ASP A 81 0.91 1.30 -11.65
CA ASP A 81 1.94 1.80 -12.55
C ASP A 81 3.37 1.54 -12.04
N ILE A 82 3.55 1.48 -10.73
CA ILE A 82 4.87 1.19 -10.19
C ILE A 82 5.07 -0.33 -10.45
N GLU A 83 4.06 -1.11 -10.07
CA GLU A 83 4.07 -2.55 -10.20
C GLU A 83 4.29 -3.02 -11.63
N ASP A 84 3.69 -2.29 -12.58
CA ASP A 84 3.80 -2.57 -13.99
C ASP A 84 4.94 -1.79 -14.69
N ASN A 85 5.65 -0.94 -13.95
CA ASN A 85 6.75 -0.17 -14.54
C ASN A 85 6.23 0.65 -15.72
N ALA A 86 5.03 1.20 -15.60
CA ALA A 86 4.48 2.00 -16.69
C ALA A 86 5.05 3.41 -16.78
N PRO A 87 5.45 3.84 -17.98
CA PRO A 87 5.98 5.19 -18.17
C PRO A 87 4.84 6.23 -18.38
N LEU A 88 3.70 5.79 -18.84
CA LEU A 88 2.61 6.72 -19.18
C LEU A 88 1.27 6.25 -18.65
N ARG A 89 0.39 7.17 -18.31
CA ARG A 89 -0.97 6.82 -17.86
C ARG A 89 -1.86 7.98 -18.34
N ARG A 90 -2.73 7.73 -19.31
CA ARG A 90 -3.63 8.77 -19.81
C ARG A 90 -2.81 9.85 -20.52
N GLY A 91 -1.88 9.42 -21.37
CA GLY A 91 -1.04 10.37 -22.08
C GLY A 91 -0.03 11.21 -21.28
N GLN A 92 0.02 11.06 -19.95
CA GLN A 92 0.98 11.84 -19.18
C GLN A 92 2.02 10.97 -18.42
N THR A 93 3.14 11.57 -18.07
CA THR A 93 4.14 10.86 -17.34
C THR A 93 3.54 10.37 -16.01
N THR A 94 3.94 9.19 -15.68
CA THR A 94 3.51 8.48 -14.51
C THR A 94 4.01 9.09 -13.17
N SER A 95 3.17 9.22 -12.16
CA SER A 95 3.67 9.86 -10.93
C SER A 95 4.99 9.35 -10.35
N HIS A 96 5.23 8.03 -10.33
CA HIS A 96 6.47 7.55 -9.71
C HIS A 96 7.73 7.97 -10.46
N LEU A 97 7.62 8.27 -11.76
CA LEU A 97 8.79 8.71 -12.49
C LEU A 97 9.09 10.16 -12.17
N ILE A 98 8.08 10.88 -11.69
CA ILE A 98 8.27 12.28 -11.37
C ILE A 98 8.71 12.47 -9.92
N PHE A 99 7.92 11.94 -8.98
CA PHE A 99 8.21 12.11 -7.56
C PHE A 99 8.92 10.94 -6.90
N GLY A 100 9.20 9.89 -7.66
CA GLY A 100 9.87 8.74 -7.09
C GLY A 100 8.92 7.64 -6.61
N VAL A 101 9.40 6.40 -6.66
CA VAL A 101 8.63 5.27 -6.19
C VAL A 101 8.29 5.40 -4.68
N PRO A 102 9.25 5.83 -3.83
CA PRO A 102 8.98 5.96 -2.38
C PRO A 102 7.79 6.86 -2.01
N SER A 103 7.78 8.09 -2.53
CA SER A 103 6.67 8.99 -2.22
C SER A 103 5.35 8.51 -2.84
N THR A 104 5.41 7.96 -4.05
CA THR A 104 4.18 7.53 -4.71
C THR A 104 3.58 6.35 -3.92
N ILE A 105 4.43 5.42 -3.49
CA ILE A 105 3.90 4.28 -2.70
C ILE A 105 3.30 4.84 -1.37
N ASN A 106 4.04 5.63 -0.65
CA ASN A 106 3.48 6.09 0.61
C ASN A 106 2.14 6.89 0.42
N THR A 107 2.10 7.75 -0.59
CA THR A 107 0.91 8.55 -0.80
C THR A 107 -0.30 7.75 -1.19
N ALA A 108 -0.07 6.80 -2.11
CA ALA A 108 -1.17 5.96 -2.55
C ALA A 108 -1.75 5.19 -1.33
N ASN A 109 -0.88 4.65 -0.48
CA ASN A 109 -1.36 3.90 0.72
C ASN A 109 -2.03 4.85 1.69
N TYR A 110 -1.52 6.08 1.79
CA TYR A 110 -2.17 7.08 2.65
C TYR A 110 -3.61 7.30 2.15
N MET A 111 -3.80 7.43 0.84
CA MET A 111 -5.12 7.65 0.29
C MET A 111 -6.09 6.46 0.50
N TYR A 112 -5.57 5.22 0.55
CA TYR A 112 -6.42 4.04 0.86
C TYR A 112 -7.06 4.29 2.23
N PHE A 113 -6.26 4.73 3.20
CA PHE A 113 -6.77 5.00 4.56
C PHE A 113 -7.67 6.25 4.66
N ARG A 114 -7.50 7.24 3.79
CA ARG A 114 -8.38 8.42 3.83
C ARG A 114 -9.73 7.97 3.30
N ALA A 115 -9.72 7.08 2.27
CA ALA A 115 -10.98 6.52 1.72
C ALA A 115 -11.72 5.77 2.82
N MET A 116 -10.97 4.98 3.58
CA MET A 116 -11.58 4.22 4.66
C MET A 116 -12.21 5.22 5.65
N GLN A 117 -11.54 6.32 5.94
CA GLN A 117 -12.06 7.30 6.88
C GLN A 117 -13.38 7.85 6.37
N LEU A 118 -13.51 8.10 5.06
CA LEU A 118 -14.79 8.57 4.51
C LEU A 118 -16.03 7.66 4.74
N VAL A 119 -15.83 6.35 4.90
CA VAL A 119 -16.97 5.46 5.10
C VAL A 119 -17.83 5.96 6.30
N SER A 120 -17.19 6.39 7.36
CA SER A 120 -17.95 6.86 8.53
C SER A 120 -18.89 8.03 8.21
N GLN A 121 -18.66 8.76 7.12
CA GLN A 121 -19.58 9.84 6.79
C GLN A 121 -20.82 9.31 6.07
N LEU A 122 -20.99 7.99 5.93
CA LEU A 122 -22.16 7.52 5.20
C LEU A 122 -23.40 7.25 6.06
N THR A 123 -23.19 7.04 7.37
CA THR A 123 -24.24 6.82 8.35
C THR A 123 -23.69 7.11 9.70
N THR A 124 -24.61 7.16 10.66
CA THR A 124 -24.36 7.35 12.07
C THR A 124 -24.76 6.02 12.76
N LYS A 125 -25.52 5.18 12.02
CA LYS A 125 -26.06 3.86 12.44
C LYS A 125 -24.96 2.78 12.57
N GLU A 126 -24.65 2.36 13.80
CA GLU A 126 -23.57 1.39 14.04
C GLU A 126 -23.63 0.05 13.31
N PRO A 127 -24.84 -0.52 13.15
CA PRO A 127 -25.02 -1.81 12.46
C PRO A 127 -24.68 -1.68 10.96
N LEU A 128 -25.19 -0.62 10.32
CA LEU A 128 -24.95 -0.35 8.91
C LEU A 128 -23.44 -0.07 8.70
N TYR A 129 -22.87 0.79 9.53
CA TYR A 129 -21.46 1.15 9.43
C TYR A 129 -20.55 -0.09 9.40
N HIS A 130 -20.81 -1.01 10.31
CA HIS A 130 -20.07 -2.25 10.40
C HIS A 130 -20.13 -2.99 9.07
N ASN A 131 -21.30 -3.01 8.45
CA ASN A 131 -21.44 -3.73 7.21
C ASN A 131 -20.69 -3.02 6.11
N LEU A 132 -20.74 -1.70 6.10
CA LEU A 132 -20.07 -0.93 5.08
C LEU A 132 -18.57 -1.19 5.14
N ILE A 133 -18.00 -1.14 6.34
CA ILE A 133 -16.58 -1.39 6.52
C ILE A 133 -16.16 -2.81 6.13
N THR A 134 -17.02 -3.78 6.38
CA THR A 134 -16.76 -5.18 6.06
C THR A 134 -16.70 -5.32 4.54
N ILE A 135 -17.56 -4.62 3.83
CA ILE A 135 -17.60 -4.65 2.37
C ILE A 135 -16.28 -4.08 1.82
N PHE A 136 -15.95 -2.92 2.35
CA PHE A 136 -14.74 -2.18 2.02
C PHE A 136 -13.54 -3.13 2.23
N ASN A 137 -13.44 -3.69 3.44
CA ASN A 137 -12.34 -4.59 3.77
C ASN A 137 -12.31 -5.84 2.81
N GLU A 138 -13.44 -6.50 2.64
CA GLU A 138 -13.47 -7.65 1.76
C GLU A 138 -13.02 -7.45 0.32
N GLU A 139 -13.53 -6.39 -0.31
CA GLU A 139 -13.21 -6.17 -1.71
C GLU A 139 -11.79 -5.65 -1.93
N LEU A 140 -11.21 -5.01 -0.92
CA LEU A 140 -9.83 -4.56 -0.99
C LEU A 140 -8.96 -5.84 -0.83
N ILE A 141 -9.36 -6.75 0.05
CA ILE A 141 -8.65 -8.00 0.16
C ILE A 141 -8.72 -8.68 -1.25
N ASN A 142 -9.90 -8.70 -1.86
CA ASN A 142 -10.07 -9.32 -3.16
C ASN A 142 -9.23 -8.67 -4.23
N LEU A 143 -9.23 -7.35 -4.24
CA LEU A 143 -8.43 -6.64 -5.21
C LEU A 143 -6.97 -7.07 -5.08
N HIS A 144 -6.42 -7.10 -3.87
CA HIS A 144 -4.99 -7.43 -3.72
C HIS A 144 -4.71 -8.90 -4.05
N ARG A 145 -5.67 -9.79 -3.83
CA ARG A 145 -5.42 -11.19 -4.15
C ARG A 145 -5.30 -11.34 -5.67
N GLY A 146 -6.20 -10.69 -6.40
CA GLY A 146 -6.17 -10.76 -7.83
C GLY A 146 -4.90 -10.14 -8.39
N GLN A 147 -4.57 -8.94 -7.91
CA GLN A 147 -3.36 -8.26 -8.34
C GLN A 147 -2.11 -9.15 -8.06
N GLY A 148 -2.06 -9.71 -6.85
CA GLY A 148 -0.98 -10.59 -6.44
C GLY A 148 -0.69 -11.69 -7.42
N LEU A 149 -1.72 -12.39 -7.88
CA LEU A 149 -1.62 -13.46 -8.90
C LEU A 149 -1.21 -12.93 -10.24
N ASP A 150 -1.80 -11.83 -10.69
CA ASP A 150 -1.44 -11.26 -11.98
C ASP A 150 0.08 -10.94 -12.01
N ILE A 151 0.56 -10.31 -10.95
CA ILE A 151 1.95 -9.95 -10.80
C ILE A 151 2.85 -11.22 -10.63
N TYR A 152 2.39 -12.21 -9.85
CA TYR A 152 3.24 -13.42 -9.64
C TYR A 152 3.41 -14.14 -11.00
N TRP A 153 2.32 -14.47 -11.67
CA TRP A 153 2.40 -15.10 -12.97
C TRP A 153 3.36 -14.41 -13.91
N ARG A 154 3.21 -13.11 -14.04
CA ARG A 154 4.08 -12.32 -14.90
C ARG A 154 5.57 -12.31 -14.49
N ASP A 155 5.84 -12.04 -13.21
CA ASP A 155 7.21 -11.95 -12.75
C ASP A 155 7.99 -13.25 -12.59
N PHE A 156 7.30 -14.38 -12.46
CA PHE A 156 7.96 -15.65 -12.31
C PHE A 156 7.77 -16.54 -13.51
N LEU A 157 7.26 -15.95 -14.61
CA LEU A 157 7.02 -16.69 -15.87
C LEU A 157 8.34 -17.37 -16.24
N PRO A 158 8.32 -18.63 -16.72
CA PRO A 158 7.22 -19.57 -16.97
C PRO A 158 6.88 -20.54 -15.85
N GLU A 159 7.15 -20.19 -14.58
CA GLU A 159 6.81 -21.06 -13.45
C GLU A 159 5.32 -21.48 -13.51
N ILE A 160 4.43 -20.53 -13.77
CA ILE A 160 3.03 -20.90 -13.90
C ILE A 160 2.47 -20.32 -15.20
N ILE A 161 1.80 -21.18 -15.98
CA ILE A 161 1.17 -20.80 -17.23
C ILE A 161 -0.30 -20.93 -16.87
N PRO A 162 -0.98 -19.79 -16.69
CA PRO A 162 -2.39 -19.89 -16.32
C PRO A 162 -3.31 -20.32 -17.44
N THR A 163 -4.39 -20.99 -17.06
CA THR A 163 -5.41 -21.42 -17.99
C THR A 163 -6.44 -20.28 -18.07
N GLN A 164 -7.40 -20.40 -18.98
CA GLN A 164 -8.46 -19.42 -19.14
C GLN A 164 -9.24 -19.31 -17.81
N GLU A 165 -9.49 -20.46 -17.19
CA GLU A 165 -10.19 -20.53 -15.92
C GLU A 165 -9.44 -19.77 -14.85
N MET A 166 -8.16 -20.07 -14.70
CA MET A 166 -7.38 -19.37 -13.72
C MET A 166 -7.38 -17.85 -13.99
N TYR A 167 -7.26 -17.48 -15.26
CA TYR A 167 -7.24 -16.07 -15.62
C TYR A 167 -8.56 -15.41 -15.21
N LEU A 168 -9.67 -16.10 -15.44
CA LEU A 168 -10.96 -15.53 -15.12
C LEU A 168 -11.16 -15.44 -13.58
N ASN A 169 -10.64 -16.41 -12.82
CA ASN A 169 -10.77 -16.29 -11.36
C ASN A 169 -9.94 -15.12 -10.84
N MET A 170 -8.74 -14.90 -11.42
CA MET A 170 -7.95 -13.76 -11.02
C MET A 170 -8.70 -12.42 -11.35
N VAL A 171 -9.36 -12.35 -12.50
CA VAL A 171 -10.08 -11.14 -12.86
C VAL A 171 -11.26 -10.88 -11.90
N MET A 172 -11.96 -11.95 -11.52
CA MET A 172 -13.08 -11.88 -10.60
C MET A 172 -12.58 -11.25 -9.28
N ASN A 173 -11.33 -11.52 -8.88
CA ASN A 173 -10.80 -10.93 -7.65
C ASN A 173 -10.32 -9.50 -7.95
N LYS A 174 -9.42 -9.39 -8.92
CA LYS A 174 -8.79 -8.12 -9.26
C LYS A 174 -9.75 -7.04 -9.71
N THR A 175 -10.31 -7.21 -10.89
CA THR A 175 -11.24 -6.22 -11.42
C THR A 175 -12.63 -6.23 -10.74
N GLY A 176 -13.18 -7.42 -10.46
CA GLY A 176 -14.45 -7.49 -9.79
C GLY A 176 -14.34 -6.82 -8.42
N GLY A 177 -13.14 -6.80 -7.85
CA GLY A 177 -12.96 -6.20 -6.56
C GLY A 177 -13.52 -4.78 -6.46
N LEU A 178 -13.14 -3.89 -7.36
CA LEU A 178 -13.62 -2.51 -7.28
C LEU A 178 -15.01 -2.32 -7.83
N PHE A 179 -15.40 -3.11 -8.82
CA PHE A 179 -16.75 -3.01 -9.34
C PHE A 179 -17.73 -3.43 -8.20
N ARG A 180 -17.48 -4.60 -7.58
CA ARG A 180 -18.37 -5.11 -6.53
C ARG A 180 -18.36 -4.17 -5.35
N LEU A 181 -17.21 -3.59 -5.04
CA LEU A 181 -17.14 -2.69 -3.90
C LEU A 181 -18.13 -1.50 -4.02
N THR A 182 -18.15 -0.84 -5.17
CA THR A 182 -19.05 0.28 -5.41
C THR A 182 -20.53 -0.17 -5.29
N LEU A 183 -20.86 -1.22 -6.05
CA LEU A 183 -22.21 -1.75 -6.05
C LEU A 183 -22.65 -2.29 -4.68
N ARG A 184 -21.78 -3.00 -3.97
CA ARG A 184 -22.25 -3.49 -2.69
C ARG A 184 -22.47 -2.38 -1.66
N LEU A 185 -21.69 -1.29 -1.75
CA LEU A 185 -21.90 -0.19 -0.79
C LEU A 185 -23.25 0.41 -1.12
N MET A 186 -23.55 0.57 -2.41
CA MET A 186 -24.84 1.13 -2.77
C MET A 186 -26.04 0.25 -2.38
N GLU A 187 -25.93 -1.07 -2.59
CA GLU A 187 -27.01 -1.96 -2.23
C GLU A 187 -27.22 -1.98 -0.72
N ALA A 188 -26.16 -1.78 0.05
CA ALA A 188 -26.30 -1.77 1.50
C ALA A 188 -26.94 -0.47 1.99
N LEU A 189 -26.77 0.59 1.22
CA LEU A 189 -27.30 1.89 1.62
C LEU A 189 -28.71 2.14 1.08
N SER A 190 -29.09 1.36 0.08
CA SER A 190 -30.39 1.52 -0.54
C SER A 190 -31.56 1.62 0.44
N PRO A 191 -32.37 2.68 0.27
CA PRO A 191 -33.55 2.95 1.10
C PRO A 191 -34.72 2.34 0.35
N SER A 192 -34.42 1.95 -0.88
CA SER A 192 -35.37 1.33 -1.82
C SER A 192 -35.66 -0.13 -1.43
N GLY A 196 -35.10 -5.20 -6.86
CA GLY A 196 -35.29 -6.69 -6.93
C GLY A 196 -34.04 -7.52 -6.57
N HIS A 197 -33.62 -8.41 -7.48
CA HIS A 197 -32.44 -9.24 -7.24
C HIS A 197 -31.14 -8.40 -7.30
N SER A 198 -30.10 -8.88 -6.62
CA SER A 198 -28.76 -8.25 -6.60
C SER A 198 -28.16 -8.03 -8.00
N LEU A 199 -27.40 -6.95 -8.19
CA LEU A 199 -26.74 -6.71 -9.46
C LEU A 199 -25.25 -7.14 -9.36
N VAL A 200 -24.88 -7.89 -8.31
CA VAL A 200 -23.48 -8.32 -8.18
C VAL A 200 -23.07 -9.17 -9.43
N PRO A 201 -23.87 -10.20 -9.81
CA PRO A 201 -23.52 -11.01 -11.00
C PRO A 201 -23.31 -10.10 -12.23
N PHE A 202 -24.26 -9.18 -12.45
CA PHE A 202 -24.15 -8.26 -13.56
C PHE A 202 -22.87 -7.39 -13.43
N ILE A 203 -22.56 -6.94 -12.21
CA ILE A 203 -21.39 -6.11 -12.10
C ILE A 203 -20.12 -6.98 -12.28
N ASN A 204 -20.18 -8.28 -11.95
CA ASN A 204 -19.04 -9.16 -12.12
C ASN A 204 -18.82 -9.31 -13.61
N LEU A 205 -19.91 -9.47 -14.36
CA LEU A 205 -19.85 -9.66 -15.81
C LEU A 205 -19.26 -8.43 -16.48
N LEU A 206 -19.69 -7.26 -16.02
CA LEU A 206 -19.21 -5.99 -16.56
C LEU A 206 -17.69 -5.88 -16.35
N GLY A 207 -17.25 -6.31 -15.17
CA GLY A 207 -15.83 -6.28 -14.82
C GLY A 207 -14.97 -7.16 -15.71
N ILE A 208 -15.47 -8.34 -16.03
CA ILE A 208 -14.79 -9.28 -16.90
C ILE A 208 -14.72 -8.72 -18.34
N ILE A 209 -15.83 -8.17 -18.84
CA ILE A 209 -15.84 -7.57 -20.17
C ILE A 209 -14.84 -6.43 -20.12
N TYR A 210 -14.93 -5.61 -19.07
CA TYR A 210 -13.98 -4.49 -18.97
C TYR A 210 -12.50 -4.97 -19.05
N GLN A 211 -12.12 -5.97 -18.24
CA GLN A 211 -10.74 -6.43 -18.28
C GLN A 211 -10.28 -7.04 -19.62
N ILE A 212 -11.09 -7.91 -20.18
CA ILE A 212 -10.69 -8.58 -21.42
C ILE A 212 -10.64 -7.59 -22.62
N ARG A 213 -11.56 -6.65 -22.63
CA ARG A 213 -11.58 -5.62 -23.64
C ARG A 213 -10.32 -4.74 -23.47
N ASP A 214 -9.91 -4.48 -22.24
CA ASP A 214 -8.68 -3.70 -22.00
C ASP A 214 -7.47 -4.51 -22.57
N ASP A 215 -7.41 -5.81 -22.27
CA ASP A 215 -6.32 -6.65 -22.73
C ASP A 215 -6.28 -6.60 -24.28
N TYR A 216 -7.43 -6.81 -24.90
CA TYR A 216 -7.59 -6.85 -26.34
C TYR A 216 -7.17 -5.57 -27.10
N LEU A 217 -7.80 -4.44 -26.74
CA LEU A 217 -7.54 -3.13 -27.37
C LEU A 217 -6.10 -2.71 -27.21
N ASN A 218 -5.48 -3.14 -26.12
CA ASN A 218 -4.07 -2.82 -25.91
C ASN A 218 -3.26 -3.38 -27.08
N LEU A 219 -3.68 -4.51 -27.66
CA LEU A 219 -2.93 -5.08 -28.78
C LEU A 219 -3.50 -4.65 -30.12
N LYS A 220 -4.83 -4.57 -30.17
CA LYS A 220 -5.57 -4.24 -31.39
C LYS A 220 -5.33 -2.78 -31.78
N ASP A 221 -5.25 -1.88 -30.81
CA ASP A 221 -4.97 -0.47 -31.15
C ASP A 221 -3.58 -0.31 -31.79
N PHE A 222 -2.62 -1.10 -31.29
CA PHE A 222 -1.25 -1.07 -31.80
C PHE A 222 -1.12 -1.78 -33.14
N GLN A 223 -1.85 -2.89 -33.32
CA GLN A 223 -1.80 -3.64 -34.58
C GLN A 223 -2.33 -2.79 -35.75
N MET A 224 -3.33 -1.96 -35.48
CA MET A 224 -3.94 -1.11 -36.49
C MET A 224 -3.28 0.28 -36.63
N LYS A 228 -2.03 5.14 -32.17
CA LYS A 228 -3.17 4.90 -31.24
C LYS A 228 -2.68 4.43 -29.85
N GLY A 229 -1.95 3.31 -29.81
CA GLY A 229 -1.43 2.77 -28.56
C GLY A 229 -0.03 2.17 -28.77
N PHE A 230 0.60 1.65 -27.70
CA PHE A 230 1.95 1.08 -27.78
C PHE A 230 2.09 -0.40 -27.43
N ALA A 231 0.98 -1.12 -27.33
CA ALA A 231 0.97 -2.54 -26.95
C ALA A 231 1.86 -2.61 -25.71
N GLU A 232 1.64 -1.72 -24.77
CA GLU A 232 2.47 -1.70 -23.58
C GLU A 232 2.34 -2.96 -22.73
N ASP A 233 1.27 -3.71 -22.91
CA ASP A 233 1.13 -4.97 -22.16
C ASP A 233 2.22 -5.97 -22.54
N ILE A 234 2.78 -5.87 -23.76
CA ILE A 234 3.81 -6.83 -24.15
C ILE A 234 5.10 -6.48 -23.45
N THR A 235 5.40 -5.19 -23.44
CA THR A 235 6.58 -4.66 -22.78
C THR A 235 6.53 -5.02 -21.29
N GLU A 236 5.33 -5.05 -20.71
CA GLU A 236 5.17 -5.39 -19.32
C GLU A 236 5.27 -6.89 -19.07
N GLY A 237 4.91 -7.71 -20.06
CA GLY A 237 5.02 -9.17 -19.91
C GLY A 237 3.80 -9.86 -19.30
N LYS A 238 2.73 -9.07 -19.21
CA LYS A 238 1.42 -9.42 -18.68
C LYS A 238 0.81 -10.66 -19.31
N LEU A 239 0.26 -11.54 -18.48
CA LEU A 239 -0.44 -12.73 -18.97
C LEU A 239 -1.89 -12.30 -19.28
N SER A 240 -2.05 -11.51 -20.36
CA SER A 240 -3.36 -10.98 -20.79
C SER A 240 -4.33 -12.07 -21.31
N PHE A 241 -5.61 -11.75 -21.49
CA PHE A 241 -6.49 -12.77 -22.02
C PHE A 241 -6.00 -13.36 -23.41
N PRO A 242 -5.56 -12.52 -24.36
CA PRO A 242 -5.08 -13.08 -25.65
C PRO A 242 -3.81 -13.95 -25.46
N ILE A 243 -2.90 -13.52 -24.61
CA ILE A 243 -1.65 -14.28 -24.32
C ILE A 243 -1.95 -15.63 -23.65
N VAL A 244 -2.86 -15.65 -22.69
CA VAL A 244 -3.27 -16.90 -22.03
C VAL A 244 -3.84 -17.89 -23.08
N HIS A 245 -4.71 -17.41 -23.98
CA HIS A 245 -5.24 -18.28 -25.00
C HIS A 245 -4.09 -18.76 -25.92
N ALA A 246 -3.22 -17.87 -26.37
CA ALA A 246 -2.14 -18.29 -27.24
C ALA A 246 -1.20 -19.36 -26.56
N LEU A 247 -0.84 -19.12 -25.30
CA LEU A 247 0.03 -20.05 -24.58
C LEU A 247 -0.61 -21.42 -24.43
N ASN A 248 -1.89 -21.45 -24.13
CA ASN A 248 -2.57 -22.73 -24.00
C ASN A 248 -2.90 -23.40 -25.38
N PHE A 249 -3.20 -22.62 -26.41
CA PHE A 249 -3.46 -23.11 -27.77
C PHE A 249 -2.15 -23.81 -28.31
N THR A 250 -1.02 -23.12 -28.20
CA THR A 250 0.26 -23.65 -28.68
C THR A 250 0.66 -24.90 -27.92
N LYS A 251 0.40 -24.94 -26.62
CA LYS A 251 0.72 -26.11 -25.84
C LYS A 251 -0.12 -27.33 -26.34
N THR A 252 -1.44 -27.09 -26.51
CA THR A 252 -2.41 -28.12 -26.92
C THR A 252 -2.20 -28.66 -28.33
N LYS A 253 -1.82 -27.78 -29.24
CA LYS A 253 -1.61 -28.18 -30.63
C LYS A 253 -0.18 -28.64 -30.88
N GLY A 254 0.64 -28.67 -29.82
CA GLY A 254 2.03 -29.06 -29.96
C GLY A 254 2.96 -28.05 -30.68
N GLN A 255 2.63 -26.75 -30.68
CA GLN A 255 3.43 -25.73 -31.33
C GLN A 255 4.50 -25.31 -30.35
N THR A 256 5.48 -26.19 -30.16
CA THR A 256 6.52 -25.93 -29.21
C THR A 256 7.37 -24.68 -29.45
N GLU A 257 7.78 -24.49 -30.68
CA GLU A 257 8.60 -23.34 -31.03
C GLU A 257 7.77 -22.01 -30.77
N GLN A 258 6.51 -21.98 -31.15
CA GLN A 258 5.72 -20.77 -30.98
C GLN A 258 5.46 -20.50 -29.49
N HIS A 259 5.17 -21.55 -28.74
CA HIS A 259 4.93 -21.45 -27.33
C HIS A 259 6.15 -20.81 -26.68
N ASN A 260 7.32 -21.35 -27.03
CA ASN A 260 8.54 -20.82 -26.49
C ASN A 260 8.93 -19.39 -26.96
N GLU A 261 8.56 -19.02 -28.19
CA GLU A 261 8.88 -17.71 -28.67
C GLU A 261 7.96 -16.66 -27.99
N ILE A 262 6.73 -17.03 -27.64
CA ILE A 262 5.84 -16.09 -26.99
C ILE A 262 6.43 -15.77 -25.63
N LEU A 263 6.91 -16.81 -24.93
CA LEU A 263 7.50 -16.67 -23.60
C LEU A 263 8.73 -15.79 -23.64
N ARG A 264 9.59 -16.06 -24.62
CA ARG A 264 10.82 -15.31 -24.76
C ARG A 264 10.50 -13.85 -25.00
N ILE A 265 9.53 -13.55 -25.87
CA ILE A 265 9.26 -12.17 -26.12
C ILE A 265 8.70 -11.48 -24.88
N LEU A 266 7.82 -12.16 -24.16
CA LEU A 266 7.30 -11.54 -22.94
C LEU A 266 8.41 -11.29 -21.96
N LEU A 267 9.36 -12.22 -21.86
CA LEU A 267 10.45 -12.06 -20.91
C LEU A 267 11.53 -11.03 -21.31
N LEU A 268 11.55 -10.55 -22.54
CA LEU A 268 12.48 -9.50 -22.92
C LEU A 268 12.10 -8.13 -22.31
N ARG A 269 10.82 -7.92 -21.99
CA ARG A 269 10.36 -6.61 -21.47
C ARG A 269 10.81 -5.56 -22.51
N THR A 270 10.55 -5.87 -23.77
CA THR A 270 10.98 -5.02 -24.84
C THR A 270 9.99 -3.93 -25.29
N SER A 271 10.55 -2.82 -25.76
CA SER A 271 9.80 -1.70 -26.30
C SER A 271 10.07 -1.68 -27.79
N ASP A 272 10.70 -2.72 -28.34
CA ASP A 272 10.94 -2.67 -29.77
C ASP A 272 9.60 -2.88 -30.53
N LYS A 273 9.18 -1.91 -31.35
CA LYS A 273 7.89 -2.00 -32.06
C LYS A 273 7.77 -3.21 -33.00
N ASP A 274 8.86 -3.61 -33.63
CA ASP A 274 8.80 -4.72 -34.57
C ASP A 274 8.65 -6.02 -33.84
N ILE A 275 9.35 -6.12 -32.74
CA ILE A 275 9.23 -7.34 -31.92
C ILE A 275 7.80 -7.43 -31.37
N LYS A 276 7.23 -6.31 -30.88
CA LYS A 276 5.85 -6.35 -30.40
C LYS A 276 4.91 -6.67 -31.55
N LEU A 277 5.19 -6.12 -32.73
CA LEU A 277 4.28 -6.41 -33.85
C LEU A 277 4.41 -7.91 -34.27
N LYS A 278 5.62 -8.49 -34.22
CA LYS A 278 5.77 -9.92 -34.55
C LYS A 278 4.87 -10.80 -33.63
N LEU A 279 4.88 -10.49 -32.32
CA LEU A 279 4.08 -11.24 -31.34
C LEU A 279 2.58 -11.06 -31.61
N ILE A 280 2.18 -9.83 -31.92
CA ILE A 280 0.76 -9.62 -32.19
C ILE A 280 0.36 -10.40 -33.45
N GLN A 281 1.22 -10.42 -34.47
CA GLN A 281 0.86 -11.19 -35.69
C GLN A 281 0.90 -12.71 -35.42
N ILE A 282 1.68 -13.14 -34.44
CA ILE A 282 1.64 -14.56 -34.12
C ILE A 282 0.22 -14.80 -33.55
N LEU A 283 -0.25 -13.88 -32.70
CA LEU A 283 -1.59 -14.02 -32.13
C LEU A 283 -2.72 -13.93 -33.17
N GLU A 284 -2.53 -13.14 -34.21
CA GLU A 284 -3.51 -12.96 -35.30
C GLU A 284 -3.60 -14.18 -36.26
N PHE A 285 -2.46 -14.63 -36.79
CA PHE A 285 -2.41 -15.72 -37.77
C PHE A 285 -2.06 -17.13 -37.31
N ASP A 286 -1.21 -17.26 -36.30
CA ASP A 286 -0.79 -18.57 -35.86
C ASP A 286 -1.72 -19.16 -34.78
N THR A 287 -2.06 -18.39 -33.76
CA THR A 287 -2.93 -18.93 -32.73
C THR A 287 -4.38 -18.45 -32.88
N ASN A 288 -4.61 -17.44 -33.72
CA ASN A 288 -5.94 -16.85 -33.84
C ASN A 288 -6.49 -16.37 -32.51
N SER A 289 -5.60 -15.94 -31.61
CA SER A 289 -6.04 -15.46 -30.29
C SER A 289 -6.80 -14.10 -30.37
N LEU A 290 -6.48 -13.27 -31.36
CA LEU A 290 -7.20 -11.99 -31.47
C LEU A 290 -8.68 -12.25 -31.82
N ALA A 291 -8.94 -13.11 -32.81
CA ALA A 291 -10.32 -13.43 -33.20
C ALA A 291 -11.00 -14.17 -32.04
N TYR A 292 -10.32 -15.13 -31.44
CA TYR A 292 -10.91 -15.80 -30.30
C TYR A 292 -11.38 -14.80 -29.21
N THR A 293 -10.58 -13.78 -28.96
CA THR A 293 -10.86 -12.79 -27.94
C THR A 293 -11.97 -11.86 -28.37
N LYS A 294 -11.99 -11.45 -29.63
CA LYS A 294 -13.04 -10.56 -30.11
C LYS A 294 -14.41 -11.24 -29.92
N ASN A 295 -14.51 -12.50 -30.37
CA ASN A 295 -15.72 -13.28 -30.24
C ASN A 295 -16.08 -13.55 -28.79
N PHE A 296 -15.09 -13.75 -27.93
CA PHE A 296 -15.37 -14.03 -26.52
C PHE A 296 -15.97 -12.75 -25.90
N ILE A 297 -15.49 -11.59 -26.31
CA ILE A 297 -16.01 -10.35 -25.81
C ILE A 297 -17.47 -10.18 -26.30
N ASN A 298 -17.70 -10.43 -27.60
CA ASN A 298 -19.03 -10.32 -28.16
C ASN A 298 -20.00 -11.28 -27.45
N GLN A 299 -19.58 -12.51 -27.18
CA GLN A 299 -20.45 -13.44 -26.47
C GLN A 299 -20.78 -12.94 -25.07
N LEU A 300 -19.82 -12.35 -24.36
CA LEU A 300 -20.13 -11.83 -23.02
C LEU A 300 -21.15 -10.67 -23.10
N VAL A 301 -20.93 -9.74 -24.02
CA VAL A 301 -21.82 -8.60 -24.25
C VAL A 301 -23.22 -9.10 -24.61
N ASN A 302 -23.33 -10.15 -25.41
CA ASN A 302 -24.65 -10.66 -25.78
C ASN A 302 -25.36 -11.32 -24.59
N MET A 303 -24.62 -11.75 -23.58
CA MET A 303 -25.25 -12.35 -22.41
C MET A 303 -26.11 -11.26 -21.76
N ILE A 304 -25.76 -9.99 -21.99
CA ILE A 304 -26.53 -8.91 -21.44
C ILE A 304 -27.55 -8.37 -22.44
N LYS A 305 -27.07 -7.91 -23.59
CA LYS A 305 -27.92 -7.40 -24.68
C LYS A 305 -29.05 -8.39 -25.03
N ASN A 306 -28.88 -9.66 -24.65
CA ASN A 306 -29.86 -10.72 -24.93
C ASN A 306 -30.50 -11.20 -23.62
N ASP A 307 -30.39 -10.38 -22.60
CA ASP A 307 -30.95 -10.70 -21.30
C ASP A 307 -32.35 -10.08 -21.21
N ASN A 308 -33.31 -10.69 -21.91
CA ASN A 308 -34.69 -10.21 -21.94
C ASN A 308 -35.42 -10.48 -20.63
N GLU A 309 -35.16 -11.67 -20.09
CA GLU A 309 -35.76 -12.12 -18.83
C GLU A 309 -35.24 -11.32 -17.62
N ASN A 310 -34.48 -10.25 -17.89
CA ASN A 310 -33.89 -9.45 -16.81
C ASN A 310 -33.28 -10.37 -15.74
N LYS A 311 -32.48 -11.34 -16.18
CA LYS A 311 -31.82 -12.29 -15.29
C LYS A 311 -30.57 -11.65 -14.70
N TYR A 312 -29.97 -10.72 -15.47
CA TYR A 312 -28.77 -10.00 -15.05
C TYR A 312 -29.11 -8.54 -14.77
N LEU A 313 -29.81 -7.90 -15.71
CA LEU A 313 -30.21 -6.50 -15.58
C LEU A 313 -31.21 -6.26 -14.43
N ASP A 328 -31.40 0.49 -22.25
CA ASP A 328 -31.38 1.95 -22.48
C ASP A 328 -29.97 2.55 -22.36
N GLU A 329 -29.62 3.00 -21.16
CA GLU A 329 -28.31 3.59 -20.90
C GLU A 329 -27.29 2.48 -20.66
N LEU A 330 -27.80 1.27 -20.51
CA LEU A 330 -27.01 0.07 -20.27
C LEU A 330 -25.92 -0.07 -21.33
N LEU A 331 -26.34 0.00 -22.59
CA LEU A 331 -25.45 -0.14 -23.74
C LEU A 331 -24.39 0.96 -23.83
N TYR A 332 -24.81 2.22 -23.81
CA TYR A 332 -23.89 3.34 -23.90
C TYR A 332 -22.70 2.98 -23.02
N ILE A 333 -22.99 2.68 -21.76
CA ILE A 333 -21.95 2.32 -20.81
C ILE A 333 -21.02 1.17 -21.27
N ILE A 334 -21.57 0.15 -21.94
CA ILE A 334 -20.77 -0.99 -22.37
C ILE A 334 -19.85 -0.74 -23.58
N ASP A 335 -20.13 0.31 -24.35
CA ASP A 335 -19.31 0.64 -25.52
C ASP A 335 -18.29 1.70 -25.18
N HIS A 336 -18.38 2.24 -23.97
CA HIS A 336 -17.46 3.28 -23.50
C HIS A 336 -16.75 2.73 -22.28
N LEU A 337 -17.00 1.45 -22.01
CA LEU A 337 -16.41 0.75 -20.87
C LEU A 337 -14.89 0.82 -20.88
N SER A 338 -14.35 1.35 -21.97
CA SER A 338 -12.90 1.48 -22.10
C SER A 338 -12.37 2.66 -21.28
N GLU A 339 -13.23 3.65 -21.02
CA GLU A 339 -12.83 4.84 -20.24
C GLU A 339 -13.32 4.85 -18.78
N ASN B 4 -23.20 -21.50 -25.45
CA ASN B 4 -23.98 -22.18 -24.36
C ASN B 4 -23.15 -22.88 -23.29
N LYS B 5 -22.10 -23.60 -23.67
CA LYS B 5 -21.27 -24.21 -22.62
C LYS B 5 -20.41 -23.08 -22.02
N MET B 6 -20.04 -22.11 -22.86
CA MET B 6 -19.25 -20.96 -22.45
C MET B 6 -20.17 -20.06 -21.58
N GLU B 7 -21.40 -19.82 -22.03
CA GLU B 7 -22.38 -19.04 -21.28
C GLU B 7 -22.67 -19.69 -19.90
N ALA B 8 -22.83 -21.02 -19.87
CA ALA B 8 -23.14 -21.72 -18.61
C ALA B 8 -22.03 -21.50 -17.60
N LYS B 9 -20.78 -21.60 -18.08
CA LYS B 9 -19.62 -21.41 -17.22
C LYS B 9 -19.46 -19.95 -16.75
N ILE B 10 -19.78 -18.97 -17.60
CA ILE B 10 -19.68 -17.60 -17.16
C ILE B 10 -20.75 -17.37 -16.09
N ASP B 11 -21.96 -17.87 -16.31
CA ASP B 11 -23.02 -17.68 -15.33
C ASP B 11 -22.63 -18.30 -13.98
N GLU B 12 -22.03 -19.48 -13.98
CA GLU B 12 -21.64 -20.06 -12.70
C GLU B 12 -20.59 -19.15 -12.00
N LEU B 13 -19.63 -18.68 -12.79
CA LEU B 13 -18.57 -17.82 -12.31
C LEU B 13 -19.09 -16.54 -11.67
N ILE B 14 -19.97 -15.83 -12.37
CA ILE B 14 -20.49 -14.55 -11.87
C ILE B 14 -21.49 -14.65 -10.71
N ASN B 15 -22.01 -15.85 -10.47
CA ASN B 15 -22.98 -16.03 -9.40
C ASN B 15 -22.35 -16.52 -8.13
N ASN B 16 -21.04 -16.72 -8.20
CA ASN B 16 -20.32 -17.13 -7.05
C ASN B 16 -19.28 -16.09 -6.59
N ASP B 17 -18.83 -16.28 -5.35
CA ASP B 17 -17.80 -15.50 -4.73
C ASP B 17 -16.57 -15.77 -5.57
N PRO B 18 -15.57 -14.85 -5.54
CA PRO B 18 -14.34 -15.06 -6.32
C PRO B 18 -13.58 -16.28 -5.79
N VAL B 19 -13.10 -17.11 -6.71
CA VAL B 19 -12.38 -18.31 -6.34
C VAL B 19 -11.00 -17.97 -5.85
N TRP B 20 -10.68 -18.38 -4.62
CA TRP B 20 -9.38 -18.14 -4.06
C TRP B 20 -8.97 -19.39 -3.25
N SER B 21 -7.81 -19.95 -3.56
CA SER B 21 -7.37 -21.18 -2.92
C SER B 21 -6.25 -20.99 -1.96
N SER B 22 -5.97 -22.08 -1.28
CA SER B 22 -4.92 -22.14 -0.29
C SER B 22 -3.57 -21.96 -0.94
N GLN B 23 -3.42 -22.56 -2.11
CA GLN B 23 -2.22 -22.43 -2.88
C GLN B 23 -2.03 -20.93 -3.34
N ASN B 24 -3.09 -20.30 -3.84
CA ASN B 24 -3.03 -18.88 -4.27
C ASN B 24 -2.56 -18.07 -3.06
N GLU B 25 -3.12 -18.35 -1.89
CA GLU B 25 -2.74 -17.67 -0.63
C GLU B 25 -1.23 -17.84 -0.36
N SER B 26 -0.69 -19.02 -0.65
CA SER B 26 0.72 -19.28 -0.41
C SER B 26 1.60 -18.53 -1.31
N LEU B 27 1.21 -18.43 -2.56
CA LEU B 27 2.02 -17.70 -3.51
C LEU B 27 2.19 -16.25 -3.07
N ILE B 28 1.05 -15.64 -2.78
CA ILE B 28 0.94 -14.26 -2.42
C ILE B 28 1.57 -13.94 -1.09
N SER B 29 1.69 -14.95 -0.21
CA SER B 29 2.30 -14.74 1.11
C SER B 29 3.81 -14.84 1.18
N LYS B 30 4.44 -15.31 0.11
CA LYS B 30 5.90 -15.53 0.11
C LYS B 30 6.77 -14.37 0.57
N PRO B 31 6.48 -13.13 0.07
CA PRO B 31 7.33 -12.02 0.51
C PRO B 31 7.16 -11.77 2.00
N TYR B 32 5.98 -12.10 2.52
CA TYR B 32 5.70 -11.86 3.93
C TYR B 32 6.34 -12.97 4.78
N ASN B 33 6.24 -14.22 4.34
CA ASN B 33 6.85 -15.28 5.15
C ASN B 33 8.33 -15.08 5.22
N HIS B 34 8.90 -14.47 4.18
CA HIS B 34 10.33 -14.25 4.19
C HIS B 34 10.84 -13.38 5.33
N ILE B 35 10.13 -12.31 5.66
CA ILE B 35 10.58 -11.43 6.70
C ILE B 35 10.24 -11.98 8.10
N LEU B 36 9.42 -13.03 8.16
CA LEU B 36 9.08 -13.63 9.44
C LEU B 36 10.32 -14.30 9.98
N LEU B 37 11.16 -14.84 9.09
CA LEU B 37 12.42 -15.49 9.51
C LEU B 37 13.28 -14.46 10.26
N LYS B 38 12.65 -13.34 10.60
CA LYS B 38 13.30 -12.22 11.31
C LYS B 38 12.91 -12.24 12.80
N PRO B 39 13.87 -12.57 13.66
CA PRO B 39 13.48 -12.57 15.08
C PRO B 39 12.98 -11.15 15.50
N GLY B 40 12.62 -11.02 16.78
CA GLY B 40 12.14 -9.74 17.27
C GLY B 40 10.70 -9.83 17.74
N LYS B 41 9.99 -10.88 17.32
CA LYS B 41 8.61 -11.04 17.71
C LYS B 41 8.46 -11.13 19.23
N ASN B 42 9.44 -11.76 19.88
CA ASN B 42 9.42 -11.93 21.33
C ASN B 42 9.54 -10.65 22.15
N PHE B 43 10.38 -9.72 21.71
CA PHE B 43 10.53 -8.46 22.42
C PHE B 43 9.30 -7.62 22.17
N ARG B 44 8.68 -7.87 21.04
CA ARG B 44 7.46 -7.17 20.65
C ARG B 44 6.36 -7.71 21.57
N LEU B 45 6.28 -9.03 21.64
CA LEU B 45 5.29 -9.72 22.45
C LEU B 45 5.47 -9.38 23.93
N ASN B 46 6.71 -9.34 24.39
CA ASN B 46 6.97 -8.99 25.78
C ASN B 46 6.50 -7.59 26.16
N LEU B 47 6.59 -6.62 25.25
CA LEU B 47 6.12 -5.28 25.59
C LEU B 47 4.59 -5.30 25.77
N ILE B 48 3.93 -6.03 24.88
CA ILE B 48 2.46 -6.20 24.92
C ILE B 48 2.08 -6.90 26.27
N VAL B 49 2.73 -8.03 26.57
CA VAL B 49 2.49 -8.77 27.81
C VAL B 49 2.65 -7.83 29.00
N GLN B 50 3.83 -7.25 29.13
CA GLN B 50 4.06 -6.33 30.22
C GLN B 50 2.98 -5.25 30.35
N ILE B 51 2.56 -4.64 29.24
CA ILE B 51 1.52 -3.59 29.32
C ILE B 51 0.16 -4.15 29.74
N ASN B 52 -0.09 -5.42 29.42
CA ASN B 52 -1.37 -6.04 29.75
C ASN B 52 -1.55 -6.18 31.27
N ARG B 53 -0.52 -5.85 32.05
CA ARG B 53 -0.64 -5.98 33.50
C ARG B 53 -1.42 -4.77 34.00
N VAL B 54 -1.58 -3.78 33.14
CA VAL B 54 -2.37 -2.63 33.54
C VAL B 54 -3.74 -2.78 32.91
N MET B 55 -3.76 -3.36 31.71
CA MET B 55 -4.97 -3.50 30.91
C MET B 55 -5.78 -4.79 31.09
N ASN B 56 -5.10 -5.86 31.47
CA ASN B 56 -5.72 -7.16 31.72
C ASN B 56 -6.73 -7.68 30.69
N LEU B 57 -6.34 -7.68 29.41
CA LEU B 57 -7.24 -8.23 28.41
C LEU B 57 -7.15 -9.76 28.52
N PRO B 58 -8.24 -10.47 28.24
CA PRO B 58 -8.18 -11.93 28.33
C PRO B 58 -7.29 -12.49 27.22
N LYS B 59 -6.43 -13.45 27.55
CA LYS B 59 -5.51 -14.08 26.59
C LYS B 59 -5.91 -14.22 25.11
N ASP B 60 -7.13 -14.66 24.85
CA ASP B 60 -7.57 -14.81 23.49
C ASP B 60 -7.58 -13.45 22.78
N GLN B 61 -8.06 -12.44 23.48
CA GLN B 61 -8.11 -11.09 22.92
C GLN B 61 -6.69 -10.54 22.75
N LEU B 62 -5.83 -10.78 23.74
CA LEU B 62 -4.45 -10.31 23.69
C LEU B 62 -3.75 -10.93 22.47
N ALA B 63 -4.00 -12.21 22.20
CA ALA B 63 -3.42 -12.90 21.03
C ALA B 63 -3.75 -12.20 19.65
N ILE B 64 -5.01 -11.81 19.49
CA ILE B 64 -5.42 -11.11 18.28
C ILE B 64 -4.83 -9.70 18.16
N VAL B 65 -4.65 -9.00 19.28
CA VAL B 65 -4.05 -7.68 19.27
C VAL B 65 -2.62 -7.95 18.83
N SER B 66 -1.99 -8.97 19.42
CA SER B 66 -0.63 -9.28 19.04
C SER B 66 -0.49 -9.62 17.54
N GLN B 67 -1.44 -10.34 16.97
CA GLN B 67 -1.37 -10.69 15.57
C GLN B 67 -1.49 -9.45 14.69
N ILE B 68 -2.40 -8.53 15.05
CA ILE B 68 -2.59 -7.27 14.35
C ILE B 68 -1.29 -6.46 14.31
N VAL B 69 -0.65 -6.37 15.46
CA VAL B 69 0.64 -5.67 15.63
C VAL B 69 1.70 -6.35 14.73
N GLU B 70 1.90 -7.66 14.85
CA GLU B 70 2.88 -8.33 14.01
C GLU B 70 2.68 -8.05 12.50
N LEU B 71 1.43 -8.13 12.03
CA LEU B 71 1.13 -7.86 10.61
C LEU B 71 1.45 -6.41 10.21
N LEU B 72 1.04 -5.44 11.03
CA LEU B 72 1.27 -4.05 10.70
C LEU B 72 2.76 -3.74 10.66
N HIS B 73 3.48 -4.26 11.64
CA HIS B 73 4.89 -4.02 11.72
C HIS B 73 5.67 -4.71 10.59
N ASN B 74 5.33 -5.95 10.28
CA ASN B 74 6.05 -6.62 9.22
C ASN B 74 5.77 -6.02 7.85
N SER B 75 4.52 -5.72 7.57
CA SER B 75 4.15 -5.11 6.31
C SER B 75 4.80 -3.70 6.17
N SER B 76 4.82 -2.93 7.26
CA SER B 76 5.36 -1.59 7.12
C SER B 76 6.87 -1.65 6.89
N LEU B 77 7.57 -2.66 7.44
CA LEU B 77 9.01 -2.80 7.13
C LEU B 77 9.23 -3.34 5.70
N LEU B 78 8.34 -4.19 5.18
CA LEU B 78 8.53 -4.66 3.78
C LEU B 78 8.54 -3.42 2.85
N ILE B 79 7.59 -2.51 3.10
CA ILE B 79 7.42 -1.26 2.32
C ILE B 79 8.54 -0.24 2.61
N ASP B 80 8.90 -0.13 3.87
CA ASP B 80 9.96 0.80 4.23
C ASP B 80 11.27 0.44 3.52
N ASP B 81 11.60 -0.85 3.44
CA ASP B 81 12.84 -1.26 2.75
C ASP B 81 12.79 -0.94 1.25
N ILE B 82 11.63 -1.01 0.62
CA ILE B 82 11.51 -0.60 -0.79
C ILE B 82 11.77 0.95 -0.86
N GLU B 83 11.12 1.70 0.03
CA GLU B 83 11.24 3.15 0.09
C GLU B 83 12.66 3.62 0.39
N ASP B 84 13.38 2.82 1.18
CA ASP B 84 14.74 3.20 1.54
C ASP B 84 15.76 2.45 0.72
N ASN B 85 15.35 1.75 -0.33
CA ASN B 85 16.32 0.96 -1.11
C ASN B 85 17.30 0.18 -0.21
N ALA B 86 16.80 -0.48 0.84
CA ALA B 86 17.65 -1.22 1.78
C ALA B 86 17.92 -2.63 1.26
N PRO B 87 19.20 -3.03 1.22
CA PRO B 87 19.54 -4.38 0.73
C PRO B 87 19.44 -5.43 1.83
N LEU B 88 19.43 -5.00 3.10
CA LEU B 88 19.39 -5.95 4.22
C LEU B 88 18.52 -5.51 5.37
N ARG B 89 17.95 -6.49 6.05
CA ARG B 89 17.08 -6.28 7.21
C ARG B 89 17.43 -7.46 8.15
N ARG B 90 17.89 -7.11 9.35
CA ARG B 90 18.30 -8.13 10.33
C ARG B 90 19.26 -9.12 9.70
N GLY B 91 20.27 -8.60 9.03
CA GLY B 91 21.27 -9.44 8.40
C GLY B 91 20.89 -10.22 7.15
N GLN B 92 19.59 -10.36 6.83
CA GLN B 92 19.16 -11.11 5.63
C GLN B 92 18.83 -10.18 4.47
N THR B 93 18.73 -10.77 3.28
CA THR B 93 18.38 -10.06 2.06
C THR B 93 16.90 -9.58 2.17
N THR B 94 16.63 -8.31 1.86
CA THR B 94 15.26 -7.84 1.96
C THR B 94 14.33 -8.52 0.98
N SER B 95 13.04 -8.59 1.29
CA SER B 95 12.12 -9.26 0.38
C SER B 95 12.04 -8.74 -1.06
N HIS B 96 12.10 -7.40 -1.24
CA HIS B 96 11.95 -6.91 -2.59
C HIS B 96 13.11 -7.32 -3.47
N LEU B 97 14.23 -7.69 -2.88
CA LEU B 97 15.35 -8.07 -3.72
C LEU B 97 15.16 -9.51 -4.20
N ILE B 98 14.42 -10.29 -3.42
CA ILE B 98 14.17 -11.66 -3.80
C ILE B 98 12.90 -11.81 -4.66
N PHE B 99 11.77 -11.25 -4.20
CA PHE B 99 10.50 -11.42 -4.91
C PHE B 99 10.16 -10.30 -5.85
N GLY B 100 10.99 -9.27 -5.85
CA GLY B 100 10.75 -8.13 -6.71
C GLY B 100 9.93 -7.07 -5.96
N VAL B 101 10.04 -5.83 -6.37
CA VAL B 101 9.28 -4.75 -5.81
C VAL B 101 7.78 -4.92 -6.03
N PRO B 102 7.31 -5.28 -7.27
CA PRO B 102 5.86 -5.44 -7.51
C PRO B 102 5.17 -6.35 -6.48
N SER B 103 5.66 -7.59 -6.38
CA SER B 103 5.05 -8.54 -5.43
C SER B 103 5.13 -8.12 -3.97
N THR B 104 6.24 -7.53 -3.56
CA THR B 104 6.43 -7.14 -2.17
C THR B 104 5.49 -5.99 -1.76
N ILE B 105 5.29 -5.00 -2.64
CA ILE B 105 4.39 -3.92 -2.33
C ILE B 105 3.01 -4.52 -2.17
N ASN B 106 2.61 -5.35 -3.14
CA ASN B 106 1.25 -5.85 -3.09
C ASN B 106 0.98 -6.73 -1.84
N THR B 107 1.93 -7.62 -1.54
CA THR B 107 1.78 -8.46 -0.37
C THR B 107 1.71 -7.60 0.90
N ALA B 108 2.59 -6.62 1.03
CA ALA B 108 2.61 -5.75 2.20
C ALA B 108 1.26 -5.10 2.36
N ASN B 109 0.72 -4.60 1.26
CA ASN B 109 -0.56 -3.95 1.29
C ASN B 109 -1.70 -4.94 1.62
N TYR B 110 -1.61 -6.16 1.08
CA TYR B 110 -2.63 -7.15 1.36
C TYR B 110 -2.65 -7.42 2.87
N MET B 111 -1.50 -7.43 3.50
CA MET B 111 -1.47 -7.74 4.93
C MET B 111 -2.03 -6.61 5.77
N TYR B 112 -1.97 -5.39 5.24
CA TYR B 112 -2.55 -4.24 5.94
C TYR B 112 -4.03 -4.49 6.08
N PHE B 113 -4.65 -4.99 5.01
CA PHE B 113 -6.07 -5.24 5.05
C PHE B 113 -6.41 -6.52 5.82
N ARG B 114 -5.49 -7.48 5.87
CA ARG B 114 -5.72 -8.70 6.66
C ARG B 114 -5.77 -8.27 8.10
N ALA B 115 -4.87 -7.36 8.48
CA ALA B 115 -4.84 -6.85 9.84
C ALA B 115 -6.17 -6.15 10.20
N MET B 116 -6.69 -5.39 9.28
CA MET B 116 -7.92 -4.67 9.46
C MET B 116 -9.08 -5.63 9.79
N GLN B 117 -9.12 -6.75 9.07
CA GLN B 117 -10.13 -7.79 9.23
C GLN B 117 -10.10 -8.39 10.63
N LEU B 118 -8.91 -8.62 11.16
CA LEU B 118 -8.72 -9.15 12.52
C LEU B 118 -9.31 -8.18 13.59
N VAL B 119 -9.29 -6.88 13.33
CA VAL B 119 -9.84 -5.91 14.26
C VAL B 119 -11.28 -6.30 14.58
N SER B 120 -11.98 -6.76 13.54
CA SER B 120 -13.38 -7.17 13.64
C SER B 120 -13.55 -8.36 14.57
N GLN B 121 -12.49 -9.11 14.82
CA GLN B 121 -12.61 -10.24 15.72
C GLN B 121 -12.26 -9.91 17.16
N LEU B 122 -11.97 -8.65 17.43
CA LEU B 122 -11.67 -8.23 18.79
C LEU B 122 -12.95 -8.13 19.66
N THR B 123 -14.07 -7.78 19.04
CA THR B 123 -15.30 -7.62 19.79
C THR B 123 -16.43 -7.62 18.84
N THR B 124 -17.62 -7.93 19.34
CA THR B 124 -18.80 -7.84 18.49
C THR B 124 -19.67 -6.67 18.94
N LYS B 125 -19.32 -6.06 20.07
CA LYS B 125 -20.08 -4.90 20.57
C LYS B 125 -19.94 -3.80 19.54
N GLU B 126 -21.08 -3.39 18.99
CA GLU B 126 -21.09 -2.39 17.91
C GLU B 126 -20.47 -1.00 18.18
N PRO B 127 -20.62 -0.48 19.40
CA PRO B 127 -20.02 0.85 19.63
C PRO B 127 -18.50 0.70 19.67
N LEU B 128 -18.06 -0.23 20.53
CA LEU B 128 -16.67 -0.56 20.75
C LEU B 128 -15.95 -0.93 19.42
N TYR B 129 -16.67 -1.55 18.50
CA TYR B 129 -16.08 -1.92 17.22
C TYR B 129 -15.77 -0.65 16.42
N HIS B 130 -16.67 0.34 16.50
CA HIS B 130 -16.46 1.58 15.77
C HIS B 130 -15.23 2.27 16.32
N ASN B 131 -15.08 2.20 17.64
CA ASN B 131 -13.96 2.82 18.29
C ASN B 131 -12.66 2.16 17.85
N LEU B 132 -12.59 0.81 17.91
CA LEU B 132 -11.41 0.05 17.48
C LEU B 132 -11.02 0.41 16.00
N ILE B 133 -11.98 0.38 15.10
CA ILE B 133 -11.70 0.71 13.72
C ILE B 133 -11.19 2.15 13.53
N THR B 134 -11.78 3.10 14.27
CA THR B 134 -11.34 4.49 14.21
C THR B 134 -9.90 4.63 14.70
N ILE B 135 -9.53 3.87 15.74
CA ILE B 135 -8.16 3.91 16.30
C ILE B 135 -7.16 3.40 15.22
N PHE B 136 -7.53 2.28 14.58
CA PHE B 136 -6.75 1.64 13.54
C PHE B 136 -6.57 2.64 12.38
N ASN B 137 -7.69 3.20 11.94
CA ASN B 137 -7.69 4.16 10.83
C ASN B 137 -6.80 5.39 11.14
N GLU B 138 -7.04 6.04 12.29
CA GLU B 138 -6.28 7.22 12.72
C GLU B 138 -4.78 6.98 12.81
N GLU B 139 -4.37 5.88 13.42
CA GLU B 139 -2.92 5.64 13.58
C GLU B 139 -2.23 5.21 12.29
N LEU B 140 -2.97 4.58 11.38
CA LEU B 140 -2.36 4.27 10.09
C LEU B 140 -2.18 5.53 9.24
N ILE B 141 -3.16 6.45 9.33
CA ILE B 141 -3.05 7.75 8.63
C ILE B 141 -1.79 8.50 9.19
N ASN B 142 -1.60 8.47 10.50
CA ASN B 142 -0.49 9.13 11.14
C ASN B 142 0.83 8.55 10.68
N LEU B 143 0.91 7.21 10.68
CA LEU B 143 2.12 6.50 10.25
C LEU B 143 2.48 6.98 8.84
N HIS B 144 1.48 7.07 7.98
CA HIS B 144 1.76 7.44 6.59
C HIS B 144 2.15 8.87 6.37
N ARG B 145 1.59 9.72 7.21
CA ARG B 145 1.90 11.12 7.22
C ARG B 145 3.33 11.28 7.64
N GLY B 146 3.73 10.60 8.71
CA GLY B 146 5.10 10.78 9.18
C GLY B 146 6.13 10.20 8.20
N GLN B 147 5.78 9.03 7.64
CA GLN B 147 6.64 8.39 6.67
C GLN B 147 6.74 9.33 5.47
N GLY B 148 5.62 9.90 5.04
CA GLY B 148 5.66 10.79 3.88
C GLY B 148 6.55 12.00 4.00
N LEU B 149 6.56 12.61 5.17
CA LEU B 149 7.36 13.78 5.47
C LEU B 149 8.83 13.41 5.53
N ASP B 150 9.13 12.27 6.18
CA ASP B 150 10.51 11.78 6.28
C ASP B 150 11.06 11.50 4.86
N ILE B 151 10.26 10.89 4.02
CA ILE B 151 10.67 10.60 2.62
C ILE B 151 10.81 11.86 1.80
N TYR B 152 9.88 12.78 2.00
CA TYR B 152 9.88 14.04 1.30
C TYR B 152 11.18 14.84 1.58
N TRP B 153 11.52 14.95 2.86
CA TRP B 153 12.71 15.69 3.23
C TRP B 153 13.93 15.05 2.58
N ARG B 154 14.00 13.72 2.61
CA ARG B 154 15.13 13.00 2.03
C ARG B 154 15.20 13.16 0.51
N ASP B 155 14.09 12.96 -0.16
CA ASP B 155 14.08 13.06 -1.60
C ASP B 155 14.08 14.46 -2.23
N PHE B 156 13.73 15.47 -1.44
CA PHE B 156 13.77 16.82 -1.94
C PHE B 156 14.96 17.55 -1.38
N LEU B 157 15.75 16.90 -0.53
CA LEU B 157 16.96 17.58 -0.02
C LEU B 157 17.81 18.06 -1.24
N PRO B 158 18.39 19.28 -1.16
CA PRO B 158 18.31 20.22 -0.03
C PRO B 158 17.19 21.25 -0.02
N GLU B 159 16.03 20.99 -0.57
CA GLU B 159 15.01 22.04 -0.55
C GLU B 159 14.57 22.44 0.88
N ILE B 160 14.41 21.47 1.78
CA ILE B 160 13.98 21.78 3.15
C ILE B 160 14.90 21.04 4.11
N ILE B 161 15.44 21.76 5.08
CA ILE B 161 16.25 21.15 6.12
C ILE B 161 15.41 21.31 7.40
N PRO B 162 14.86 20.19 7.91
CA PRO B 162 14.07 20.35 9.13
C PRO B 162 14.90 20.75 10.35
N THR B 163 14.17 21.33 11.31
CA THR B 163 14.68 21.70 12.59
C THR B 163 14.37 20.49 13.50
N GLN B 164 14.90 20.56 14.72
CA GLN B 164 14.70 19.51 15.73
C GLN B 164 13.22 19.35 16.02
N GLU B 165 12.51 20.47 16.13
CA GLU B 165 11.08 20.46 16.40
C GLU B 165 10.35 19.73 15.26
N MET B 166 10.63 20.08 14.03
CA MET B 166 9.94 19.47 12.91
C MET B 166 10.23 17.98 12.89
N TYR B 167 11.48 17.61 13.17
CA TYR B 167 11.88 16.21 13.23
C TYR B 167 11.03 15.50 14.27
N LEU B 168 10.88 16.13 15.44
CA LEU B 168 10.09 15.51 16.50
C LEU B 168 8.63 15.39 16.14
N ASN B 169 8.05 16.34 15.42
CA ASN B 169 6.66 16.16 15.01
C ASN B 169 6.59 15.02 13.97
N MET B 170 7.56 14.93 13.06
CA MET B 170 7.52 13.78 12.08
C MET B 170 7.52 12.43 12.87
N VAL B 171 8.43 12.30 13.84
CA VAL B 171 8.47 11.06 14.64
C VAL B 171 7.16 10.74 15.41
N MET B 172 6.49 11.77 15.92
CA MET B 172 5.26 11.53 16.66
C MET B 172 4.24 10.90 15.73
N ASN B 173 4.24 11.35 14.49
CA ASN B 173 3.32 10.78 13.52
C ASN B 173 3.82 9.39 13.11
N LYS B 174 5.04 9.32 12.58
CA LYS B 174 5.61 8.06 12.05
C LYS B 174 5.79 6.92 13.05
N THR B 175 6.67 7.12 14.03
CA THR B 175 6.94 6.04 14.99
C THR B 175 5.83 5.93 16.07
N GLY B 176 5.24 7.07 16.47
CA GLY B 176 4.17 7.03 17.42
C GLY B 176 2.93 6.25 16.94
N GLY B 177 2.66 6.29 15.64
CA GLY B 177 1.52 5.59 15.10
C GLY B 177 1.35 4.12 15.49
N LEU B 178 2.34 3.26 15.25
CA LEU B 178 2.14 1.85 15.64
C LEU B 178 2.21 1.65 17.15
N PHE B 179 2.97 2.51 17.85
CA PHE B 179 3.02 2.43 19.31
C PHE B 179 1.63 2.84 19.83
N ARG B 180 1.16 4.05 19.48
CA ARG B 180 -0.17 4.48 19.94
C ARG B 180 -1.26 3.52 19.48
N LEU B 181 -1.14 2.98 18.26
CA LEU B 181 -2.16 2.07 17.77
C LEU B 181 -2.33 0.90 18.74
N THR B 182 -1.23 0.23 19.10
CA THR B 182 -1.30 -0.91 20.03
C THR B 182 -1.86 -0.52 21.39
N LEU B 183 -1.27 0.51 21.96
CA LEU B 183 -1.70 0.96 23.27
C LEU B 183 -3.17 1.34 23.31
N ARG B 184 -3.61 2.10 22.30
CA ARG B 184 -4.97 2.56 22.23
C ARG B 184 -5.97 1.45 22.07
N LEU B 185 -5.63 0.42 21.30
CA LEU B 185 -6.51 -0.71 21.11
C LEU B 185 -6.69 -1.40 22.46
N MET B 186 -5.58 -1.71 23.13
CA MET B 186 -5.59 -2.38 24.44
C MET B 186 -6.38 -1.57 25.50
N GLU B 187 -6.21 -0.24 25.49
CA GLU B 187 -6.91 0.60 26.45
C GLU B 187 -8.41 0.61 26.21
N ALA B 188 -8.84 0.47 24.96
CA ALA B 188 -10.28 0.44 24.70
C ALA B 188 -10.86 -0.94 25.03
N LEU B 189 -10.05 -2.00 24.89
CA LEU B 189 -10.53 -3.33 25.19
C LEU B 189 -10.41 -3.67 26.70
N SER B 190 -9.72 -2.82 27.46
CA SER B 190 -9.51 -3.05 28.87
C SER B 190 -10.78 -3.21 29.73
N PRO B 191 -10.90 -4.37 30.40
CA PRO B 191 -12.06 -4.62 31.26
C PRO B 191 -11.73 -4.09 32.65
N SER B 192 -10.67 -3.28 32.74
CA SER B 192 -10.23 -2.68 33.99
C SER B 192 -10.53 -1.18 34.08
N HIS B 197 -4.63 6.85 34.72
CA HIS B 197 -4.34 7.71 33.55
C HIS B 197 -3.97 6.90 32.28
N SER B 198 -4.18 7.53 31.11
CA SER B 198 -3.86 6.92 29.83
C SER B 198 -2.35 6.73 29.77
N LEU B 199 -1.89 5.63 29.19
CA LEU B 199 -0.45 5.41 29.05
C LEU B 199 0.02 5.93 27.65
N VAL B 200 -0.83 6.68 26.94
CA VAL B 200 -0.40 7.19 25.61
C VAL B 200 0.82 8.12 25.65
N PRO B 201 0.90 9.03 26.67
CA PRO B 201 2.06 9.92 26.74
C PRO B 201 3.37 9.11 26.89
N PHE B 202 3.33 8.08 27.72
CA PHE B 202 4.48 7.25 27.94
C PHE B 202 4.85 6.50 26.64
N ILE B 203 3.86 5.99 25.91
CA ILE B 203 4.11 5.25 24.68
C ILE B 203 4.66 6.21 23.57
N ASN B 204 4.22 7.48 23.61
CA ASN B 204 4.76 8.45 22.67
C ASN B 204 6.23 8.64 22.99
N LEU B 205 6.52 8.81 24.29
CA LEU B 205 7.91 9.02 24.74
C LEU B 205 8.72 7.79 24.34
N LEU B 206 8.16 6.60 24.53
CA LEU B 206 8.88 5.39 24.16
C LEU B 206 9.21 5.44 22.65
N GLY B 207 8.22 5.84 21.86
CA GLY B 207 8.44 5.94 20.43
C GLY B 207 9.54 6.92 20.04
N ILE B 208 9.62 8.06 20.71
CA ILE B 208 10.64 9.03 20.38
C ILE B 208 12.00 8.49 20.68
N ILE B 209 12.16 7.94 21.88
CA ILE B 209 13.44 7.36 22.29
C ILE B 209 13.85 6.28 21.28
N TYR B 210 12.89 5.44 20.92
CA TYR B 210 13.15 4.36 19.97
C TYR B 210 13.69 4.86 18.60
N GLN B 211 13.07 5.91 18.02
CA GLN B 211 13.52 6.42 16.72
C GLN B 211 14.86 7.16 16.81
N ILE B 212 15.05 7.96 17.86
CA ILE B 212 16.36 8.64 17.98
C ILE B 212 17.48 7.62 18.24
N ARG B 213 17.22 6.61 19.07
CA ARG B 213 18.22 5.57 19.32
C ARG B 213 18.51 4.77 18.01
N ASP B 214 17.48 4.47 17.21
CA ASP B 214 17.63 3.77 15.92
C ASP B 214 18.60 4.62 15.09
N ASP B 215 18.31 5.91 14.92
CA ASP B 215 19.18 6.84 14.16
C ASP B 215 20.59 6.89 14.74
N TYR B 216 20.66 6.96 16.07
CA TYR B 216 21.97 7.03 16.74
C TYR B 216 22.82 5.76 16.54
N LEU B 217 22.26 4.58 16.83
CA LEU B 217 23.01 3.35 16.68
C LEU B 217 23.44 3.04 15.24
N ASN B 218 22.63 3.44 14.26
CA ASN B 218 23.01 3.24 12.86
C ASN B 218 24.40 3.88 12.56
N LEU B 219 24.70 5.04 13.14
CA LEU B 219 26.00 5.68 12.91
C LEU B 219 27.11 5.20 13.85
N LYS B 220 26.72 5.01 15.11
CA LYS B 220 27.60 4.56 16.19
C LYS B 220 28.15 3.12 15.96
N ASP B 221 27.28 2.19 15.57
CA ASP B 221 27.69 0.80 15.31
C ASP B 221 28.69 0.72 14.17
N PHE B 222 28.60 1.66 13.24
CA PHE B 222 29.50 1.70 12.09
C PHE B 222 30.88 2.24 12.47
N GLN B 223 30.88 3.26 13.32
CA GLN B 223 32.06 3.96 13.84
C GLN B 223 32.89 3.09 14.80
N MET B 224 32.21 2.20 15.52
CA MET B 224 32.91 1.29 16.44
C MET B 224 33.28 0.05 15.64
N SER B 225 33.12 0.11 14.31
CA SER B 225 33.45 -1.04 13.44
C SER B 225 32.83 -0.90 12.02
N GLY B 229 27.81 -2.75 11.64
CA GLY B 229 27.12 -1.53 11.13
C GLY B 229 27.69 -0.95 9.83
N PHE B 230 26.80 -0.70 8.86
CA PHE B 230 27.20 -0.12 7.58
C PHE B 230 26.82 1.35 7.46
N ALA B 231 26.12 1.90 8.45
CA ALA B 231 25.68 3.28 8.46
C ALA B 231 24.87 3.53 7.21
N GLU B 232 23.90 2.64 6.95
CA GLU B 232 23.02 2.73 5.79
C GLU B 232 22.22 4.04 5.72
N ASP B 233 21.96 4.66 6.88
CA ASP B 233 21.21 5.90 6.91
C ASP B 233 21.92 6.98 6.06
N ILE B 234 23.24 6.93 6.00
CA ILE B 234 24.00 7.88 5.19
C ILE B 234 23.81 7.58 3.68
N THR B 235 23.88 6.29 3.32
CA THR B 235 23.70 5.82 1.95
C THR B 235 22.27 6.21 1.49
N GLU B 236 21.31 6.11 2.40
CA GLU B 236 19.91 6.44 2.17
C GLU B 236 19.72 8.00 2.07
N GLY B 237 20.58 8.74 2.76
CA GLY B 237 20.54 10.18 2.72
C GLY B 237 19.48 10.79 3.59
N LYS B 238 19.06 10.05 4.62
CA LYS B 238 17.98 10.51 5.50
C LYS B 238 18.29 11.57 6.57
N LEU B 239 17.27 12.41 6.85
CA LEU B 239 17.42 13.49 7.82
C LEU B 239 17.29 12.88 9.22
N SER B 240 18.28 12.08 9.62
CA SER B 240 18.21 11.45 10.94
C SER B 240 18.41 12.52 12.05
N PHE B 241 18.27 12.13 13.31
CA PHE B 241 18.40 13.09 14.42
C PHE B 241 19.79 13.74 14.52
N PRO B 242 20.89 12.96 14.34
CA PRO B 242 22.20 13.59 14.44
C PRO B 242 22.52 14.48 13.21
N ILE B 243 22.03 14.05 12.05
CA ILE B 243 22.21 14.83 10.82
C ILE B 243 21.45 16.18 10.99
N VAL B 244 20.21 16.13 11.48
CA VAL B 244 19.42 17.38 11.68
C VAL B 244 20.15 18.38 12.61
N HIS B 245 20.73 17.84 13.67
CA HIS B 245 21.48 18.60 14.61
C HIS B 245 22.70 19.18 13.90
N ALA B 246 23.45 18.33 13.20
CA ALA B 246 24.64 18.83 12.53
C ALA B 246 24.32 19.93 11.49
N LEU B 247 23.24 19.77 10.71
CA LEU B 247 22.88 20.76 9.69
C LEU B 247 22.49 22.10 10.31
N ASN B 248 21.63 22.07 11.33
CA ASN B 248 21.27 23.30 12.01
C ASN B 248 22.43 23.94 12.81
N PHE B 249 23.33 23.09 13.34
CA PHE B 249 24.44 23.57 14.10
C PHE B 249 25.37 24.35 13.18
N THR B 250 25.73 23.76 12.04
CA THR B 250 26.64 24.43 11.11
C THR B 250 26.00 25.69 10.50
N LYS B 251 24.71 25.65 10.19
CA LYS B 251 24.05 26.85 9.66
C LYS B 251 24.16 27.95 10.73
N THR B 252 23.78 27.63 11.95
CA THR B 252 23.83 28.57 13.07
C THR B 252 25.22 29.15 13.40
N LYS B 253 26.26 28.33 13.37
CA LYS B 253 27.58 28.83 13.66
C LYS B 253 28.21 29.40 12.39
N GLY B 254 27.37 29.60 11.37
CA GLY B 254 27.84 30.12 10.11
C GLY B 254 28.97 29.35 9.46
N GLN B 255 29.09 28.05 9.75
CA GLN B 255 30.16 27.17 9.19
C GLN B 255 29.70 26.63 7.83
N THR B 256 29.68 27.52 6.86
CA THR B 256 29.22 27.22 5.54
C THR B 256 29.77 25.99 4.83
N GLU B 257 31.07 25.84 4.77
CA GLU B 257 31.63 24.70 4.06
C GLU B 257 31.38 23.34 4.72
N GLN B 258 31.13 23.32 6.04
CA GLN B 258 30.89 22.05 6.70
C GLN B 258 29.43 21.67 6.44
N HIS B 259 28.56 22.70 6.44
CA HIS B 259 27.14 22.55 6.17
C HIS B 259 26.99 21.92 4.79
N ASN B 260 27.62 22.53 3.78
CA ASN B 260 27.57 22.03 2.40
C ASN B 260 28.21 20.64 2.25
N GLU B 261 29.30 20.42 2.96
CA GLU B 261 30.00 19.12 2.91
C GLU B 261 29.04 18.01 3.43
N ILE B 262 28.26 18.29 4.48
CA ILE B 262 27.34 17.29 5.00
C ILE B 262 26.27 17.01 3.93
N LEU B 263 25.72 18.09 3.36
CA LEU B 263 24.74 17.96 2.29
C LEU B 263 25.27 17.16 1.10
N ARG B 264 26.49 17.47 0.67
CA ARG B 264 27.09 16.77 -0.47
C ARG B 264 27.25 15.27 -0.27
N ILE B 265 27.55 14.87 0.96
CA ILE B 265 27.74 13.47 1.25
C ILE B 265 26.41 12.73 1.26
N LEU B 266 25.40 13.34 1.88
CA LEU B 266 24.09 12.72 1.93
C LEU B 266 23.53 12.55 0.50
N LEU B 267 23.72 13.57 -0.36
CA LEU B 267 23.26 13.53 -1.76
C LEU B 267 24.02 12.54 -2.60
N LEU B 268 25.19 12.12 -2.16
CA LEU B 268 25.93 11.13 -2.92
C LEU B 268 25.22 9.76 -2.89
N ARG B 269 24.39 9.50 -1.88
CA ARG B 269 23.74 8.17 -1.73
C ARG B 269 24.91 7.15 -1.86
N THR B 270 25.95 7.39 -1.10
CA THR B 270 27.14 6.58 -1.22
C THR B 270 27.25 5.34 -0.35
N SER B 271 27.88 4.33 -0.94
CA SER B 271 28.18 3.07 -0.24
C SER B 271 29.64 3.05 0.20
N ASP B 272 30.40 4.05 -0.20
CA ASP B 272 31.83 4.12 0.16
C ASP B 272 32.13 4.40 1.62
N LYS B 273 32.69 3.38 2.28
CA LYS B 273 33.04 3.40 3.68
C LYS B 273 33.86 4.62 4.07
N ASP B 274 34.84 4.98 3.25
CA ASP B 274 35.71 6.11 3.55
C ASP B 274 34.91 7.44 3.54
N ILE B 275 33.95 7.57 2.63
CA ILE B 275 33.18 8.79 2.58
C ILE B 275 32.22 8.80 3.74
N LYS B 276 31.69 7.63 4.09
CA LYS B 276 30.76 7.57 5.22
C LYS B 276 31.49 7.99 6.48
N LEU B 277 32.74 7.51 6.62
CA LEU B 277 33.53 7.84 7.79
C LEU B 277 33.76 9.34 7.82
N LYS B 278 34.05 9.92 6.68
CA LYS B 278 34.26 11.35 6.61
C LYS B 278 33.06 12.12 7.19
N LEU B 279 31.83 11.68 6.88
CA LEU B 279 30.67 12.38 7.43
C LEU B 279 30.60 12.11 8.94
N ILE B 280 30.90 10.87 9.35
CA ILE B 280 30.88 10.64 10.80
C ILE B 280 31.92 11.52 11.51
N GLN B 281 33.11 11.71 10.94
CA GLN B 281 34.07 12.55 11.62
C GLN B 281 33.66 14.03 11.63
N ILE B 282 32.78 14.46 10.72
CA ILE B 282 32.34 15.85 10.78
C ILE B 282 31.39 15.92 11.99
N LEU B 283 30.59 14.88 12.17
CA LEU B 283 29.63 14.83 13.28
C LEU B 283 30.32 14.66 14.65
N GLU B 284 31.50 14.06 14.64
CA GLU B 284 32.21 13.84 15.88
C GLU B 284 33.06 15.07 16.27
N PHE B 285 33.90 15.51 15.34
CA PHE B 285 34.81 16.61 15.60
C PHE B 285 34.31 18.01 15.39
N ASP B 286 33.41 18.23 14.44
CA ASP B 286 32.93 19.58 14.17
C ASP B 286 31.70 20.02 14.89
N THR B 287 30.64 19.21 14.85
CA THR B 287 29.36 19.55 15.45
C THR B 287 29.10 18.84 16.77
N ASN B 288 29.83 17.77 17.03
CA ASN B 288 29.65 16.99 18.25
C ASN B 288 28.21 16.48 18.35
N SER B 289 27.64 16.16 17.20
CA SER B 289 26.26 15.66 17.08
C SER B 289 25.99 14.28 17.69
N LEU B 290 26.95 13.37 17.62
CA LEU B 290 26.77 12.03 18.20
C LEU B 290 26.68 12.17 19.72
N ALA B 291 27.56 12.95 20.33
CA ALA B 291 27.47 13.16 21.79
C ALA B 291 26.16 13.91 22.10
N TYR B 292 25.81 14.92 21.29
CA TYR B 292 24.53 15.64 21.55
C TYR B 292 23.32 14.67 21.55
N THR B 293 23.38 13.66 20.69
CA THR B 293 22.28 12.72 20.58
C THR B 293 22.29 11.73 21.77
N LYS B 294 23.47 11.31 22.18
CA LYS B 294 23.59 10.36 23.29
C LYS B 294 22.97 11.04 24.51
N ASN B 295 23.30 12.33 24.63
CA ASN B 295 22.82 13.08 25.75
C ASN B 295 21.32 13.26 25.71
N PHE B 296 20.79 13.59 24.54
CA PHE B 296 19.34 13.78 24.34
C PHE B 296 18.58 12.52 24.70
N ILE B 297 19.07 11.36 24.24
CA ILE B 297 18.39 10.10 24.56
C ILE B 297 18.36 9.85 26.10
N ASN B 298 19.50 10.08 26.78
CA ASN B 298 19.64 9.87 28.22
C ASN B 298 18.68 10.76 28.96
N GLN B 299 18.54 12.00 28.51
CA GLN B 299 17.58 12.88 29.16
C GLN B 299 16.14 12.32 28.99
N LEU B 300 15.79 11.82 27.80
CA LEU B 300 14.43 11.30 27.60
C LEU B 300 14.24 10.09 28.53
N VAL B 301 15.25 9.23 28.60
CA VAL B 301 15.15 8.06 29.45
C VAL B 301 15.03 8.46 30.92
N ASN B 302 15.74 9.54 31.34
CA ASN B 302 15.69 10.01 32.74
C ASN B 302 14.27 10.45 33.07
N MET B 303 13.60 11.11 32.13
CA MET B 303 12.22 11.54 32.34
C MET B 303 11.40 10.37 32.88
N ILE B 304 11.80 9.16 32.52
CA ILE B 304 11.12 7.96 32.96
C ILE B 304 11.70 7.42 34.28
N LYS B 305 13.01 7.28 34.36
CA LYS B 305 13.63 6.77 35.59
C LYS B 305 13.33 7.66 36.81
N ASN B 306 13.21 8.96 36.60
CA ASN B 306 12.93 9.87 37.72
C ASN B 306 11.47 10.27 37.78
N ASP B 307 10.59 9.36 37.37
CA ASP B 307 9.16 9.61 37.38
C ASP B 307 8.59 9.00 38.67
N ASN B 308 8.84 9.68 39.78
CA ASN B 308 8.43 9.19 41.11
C ASN B 308 6.96 9.31 41.46
N GLU B 309 6.35 10.40 41.01
CA GLU B 309 4.96 10.66 41.27
C GLU B 309 4.16 9.79 40.33
N ASN B 310 4.87 9.11 39.44
CA ASN B 310 4.25 8.26 38.43
C ASN B 310 3.36 9.04 37.48
N LYS B 311 3.93 10.06 36.86
CA LYS B 311 3.16 10.86 35.93
C LYS B 311 3.03 10.12 34.58
N TYR B 312 4.08 9.40 34.21
CA TYR B 312 4.10 8.68 32.94
C TYR B 312 3.88 7.18 33.08
N LEU B 313 4.61 6.58 34.02
CA LEU B 313 4.52 5.17 34.32
C LEU B 313 3.16 4.92 34.97
N PRO B 314 2.75 3.65 35.01
CA PRO B 314 1.44 3.45 35.63
C PRO B 314 1.58 3.50 37.14
N TYR B 332 13.90 -2.39 31.87
CA TYR B 332 14.53 -3.44 31.01
C TYR B 332 14.04 -3.33 29.57
N ILE B 333 12.75 -3.01 29.39
CA ILE B 333 12.22 -2.87 28.04
C ILE B 333 12.83 -1.64 27.40
N ILE B 334 13.04 -0.59 28.19
CA ILE B 334 13.62 0.66 27.71
C ILE B 334 15.11 0.52 27.33
N ASP B 335 15.78 -0.52 27.83
CA ASP B 335 17.20 -0.72 27.49
C ASP B 335 17.40 -1.57 26.23
N HIS B 336 16.43 -2.44 25.93
CA HIS B 336 16.51 -3.31 24.75
C HIS B 336 15.46 -2.90 23.71
N LEU B 337 15.11 -1.61 23.72
CA LEU B 337 14.11 -1.03 22.82
C LEU B 337 14.50 -1.05 21.35
N SER B 338 15.81 -1.06 21.09
CA SER B 338 16.30 -1.09 19.72
C SER B 338 15.92 -2.42 19.07
MG MG C . -1.48 -4.15 -13.62
MG MG D . -1.27 -1.61 -15.32
CBH B75 E . -5.04 -2.46 -16.74
PBI B75 E . -4.46 -0.69 -16.65
OAF B75 E . -2.94 -0.65 -16.14
OAG B75 E . -4.47 -0.41 -18.23
OAA B75 E . -5.33 0.28 -15.96
PBJ B75 E . -4.16 -3.68 -15.64
OAH B75 E . -2.78 -3.07 -15.08
OAI B75 E . -5.09 -4.03 -14.37
OAB B75 E . -3.94 -4.91 -16.45
OAE B75 E . -4.83 -2.83 -18.10
MG MG F . 14.08 2.29 6.97
MG MG G . 12.37 4.54 6.36
CAX B75 H . 5.89 -2.84 18.13
CBG B75 H . 4.99 -2.59 19.17
CAT B75 H . 4.50 -3.65 19.93
CAM B75 H . 3.67 -3.38 21.02
CAL B75 H . 3.33 -2.06 21.32
CAS B75 H . 3.82 -1.01 20.55
CBF B75 H . 4.65 -1.28 19.47
CAU B75 H . 5.21 -0.23 18.74
CAR B75 H . 6.10 -0.49 17.72
CBE B75 H . 6.46 -1.80 17.41
SBK B75 H . 7.76 -2.24 16.31
OAC B75 H . 8.95 -2.63 17.15
OAD B75 H . 7.27 -3.47 15.61
NAZ B75 H . 8.28 -1.19 15.17
CBB B75 H . 7.93 0.04 14.82
CAW B75 H . 8.50 0.54 13.66
CAO B75 H . 6.94 0.78 15.47
CAK B75 H . 6.52 1.99 14.93
CAQ B75 H . 7.09 2.49 13.76
CBD B75 H . 8.08 1.75 13.11
CBC B75 H . 8.60 2.17 11.89
CAV B75 H . 9.89 1.79 11.52
CAP B75 H . 7.82 2.89 11.00
CAJ B75 H . 8.31 3.23 9.75
CAN B75 H . 9.60 2.84 9.37
CBA B75 H . 10.38 2.12 10.26
CAY B75 H . 11.75 1.58 9.82
CBH B75 H . 12.98 2.28 10.39
PBI B75 H . 14.45 1.20 9.99
OAF B75 H . 14.54 1.24 8.39
OAG B75 H . 15.73 1.96 10.60
OAA B75 H . 14.27 -0.17 10.52
PBJ B75 H . 13.27 3.94 9.62
OAH B75 H . 13.19 3.75 8.02
OAI B75 H . 12.05 4.90 10.05
OAB B75 H . 14.59 4.46 10.05
OAE B75 H . 12.93 2.45 11.82
#